data_5CZZ
#
_entry.id   5CZZ
#
_cell.length_a   67.585
_cell.length_b   345.584
_cell.length_c   98.089
_cell.angle_alpha   90.000
_cell.angle_beta   90.000
_cell.angle_gamma   90.000
#
_symmetry.space_group_name_H-M   'P 21 21 2'
#
loop_
_entity.id
_entity.type
_entity.pdbx_description
1 polymer 'CRISPR-associated endonuclease Cas9'
2 polymer 'RNA (73-MER)'
3 polymer 'DNA (28-MER)'
4 polymer "DNA (5'-D(*TP*TP*GP*AP*AP*TP*AP*G)-3')"
5 non-polymer 'SODIUM ION'
6 non-polymer 'PHOSPHATE ION'
7 non-polymer 1,2-ETHANEDIOL
8 water water
#
loop_
_entity_poly.entity_id
_entity_poly.type
_entity_poly.pdbx_seq_one_letter_code
_entity_poly.pdbx_strand_id
1 'polypeptide(L)'
;GSHMKRNYILGLDIGITSVGYGIIDYETRDVIDAGVRLFKEANVENNEGRRSKRGARRLKRRRRHRIQRVKKLLFDYNLL
TDHSELSGINPYEARVKGLSQKLSEEEFSAALLHLAKRRGVHNVNEVEEDTGNELSTKEQISRNSKALEEKYVAELQLER
LKKDGEVRGSINRFKTSDYVKEAKQLLKVQKAYHQLDQSFIDTYIDLLETRRTYYEGPGEGSPFGWKDIKEWYEMLMGHC
TYFPEELRSVKYAYNADLYNALNDLNNLVITRDENEKLEYYEKFQIIENVFKQKKKPTLKQIAKEILVNEEDIKGYRVTS
TGKPEFTNLKVYHDIKDITARKEIIENAELLDQIAKILTIYQSSEDIQEELTNLNSELTQEEIEQISNLKGYTGTHNLSL
KAINLILDELWHTNDNQIAIFNRLKLVPKKVDLSQQKEIPTTLVDDFILSPVVKRSFIQSIKVINAIIKKYGLPNDIIIE
LAREKNSKDAQKMINEMQKRNRQTNERIEEIIRTTGKENAKYLIEKIKLHDMQEGKCLYSLEAIPLEDLLNNPFNYEVDH
IIPRSVSFDNSFNNKVLVKQEEASKKGNRTPFQYLSSSDSKISYETFKKHILNLAKGKGRISKTKKEYLLEERDINRFSV
QKDFINRNLVDTRYATRGLMNLLRSYFRVNNLDVKVKSINGGFTSFLRRKWKFKKERNKGYKHHAEDALIIANADFIFKE
WKKLDKAKKVMENQMFEEKQAESMPEIETEQEYKEIFITPHQIKHIKDFKDYKYSHRVDKKPNRELINDTLYSTRKDDKG
NTLIVNNLNGLYDKDNDKLKKLINKSPEKLLMYHHDPQTYQKLKLIMEQYGDEKNPLYKYYEETGNYLTKYSKKDNGPVI
KKIKYYGNKLNAHLDITDDYPNSRNKVVKLSLKPYRFDVYLDNGVYKFVTVKNLDVIKKENYYEVNSKAYEEAKKLKKIS
NQAEFIASFYNNDLIKINGELYRVIGVNNDLLNRIEVNMIDITYREYLENMNDKRPPRIIKTIASKTQSIKKYSTDILGN
LYEVKSKKHPQIIKKG
;
A
2 'polyribonucleotide' GGAAAUUAGGUGCGCUUGGCGUUUUAGUACUCUGGAAACAGAAUCUACUAAAACAAGGCAAAAUGCCGUGUUU B
3 'polydeoxyribonucleotide'
;(DC)(DT)(DA)(DT)(DT)(DC)(DA)(DA)(DG)(DC)(DC)(DA)(DA)(DG)(DC)(DG)(DC)(DA)(DC)(DC)
(DT)(DA)(DA)(DT)(DT)(DT)(DC)(DC)
;
C
4 'polydeoxyribonucleotide' (DT)(DT)(DG)(DA)(DA)(DT)(DA)(DG) D
#
# COMPACT_ATOMS: atom_id res chain seq x y z
N ARG A 6 -2.48 -9.84 -40.77
CA ARG A 6 -3.01 -11.17 -40.47
C ARG A 6 -3.79 -11.16 -39.15
N ASN A 7 -4.85 -11.96 -39.09
CA ASN A 7 -5.66 -12.06 -37.87
C ASN A 7 -4.87 -12.71 -36.75
N TYR A 8 -4.87 -12.09 -35.58
CA TYR A 8 -4.05 -12.57 -34.49
C TYR A 8 -4.73 -12.51 -33.12
N ILE A 9 -4.14 -13.21 -32.16
CA ILE A 9 -4.63 -13.23 -30.79
C ILE A 9 -3.62 -12.56 -29.85
N LEU A 10 -4.08 -11.58 -29.10
CA LEU A 10 -3.21 -10.84 -28.19
C LEU A 10 -3.30 -11.38 -26.77
N GLY A 11 -2.16 -11.79 -26.23
CA GLY A 11 -2.09 -12.24 -24.85
C GLY A 11 -1.31 -11.26 -24.00
N LEU A 12 -1.84 -10.94 -22.82
CA LEU A 12 -1.17 -10.01 -21.92
C LEU A 12 -0.92 -10.60 -20.55
N ASP A 13 0.33 -10.51 -20.09
CA ASP A 13 0.68 -10.91 -18.73
C ASP A 13 0.98 -9.66 -17.91
N ILE A 14 -0.06 -9.06 -17.33
CA ILE A 14 0.10 -7.85 -16.55
C ILE A 14 0.65 -8.16 -15.16
N GLY A 15 1.81 -7.59 -14.84
CA GLY A 15 2.48 -7.85 -13.57
C GLY A 15 2.80 -6.60 -12.78
N ILE A 16 3.38 -6.81 -11.61
CA ILE A 16 3.78 -5.72 -10.71
C ILE A 16 4.82 -4.81 -11.36
N THR A 17 5.75 -5.44 -12.06
CA THR A 17 6.94 -4.78 -12.59
C THR A 17 6.98 -4.86 -14.12
N SER A 18 6.29 -5.87 -14.65
CA SER A 18 6.36 -6.16 -16.08
C SER A 18 4.99 -6.28 -16.75
N VAL A 19 4.97 -6.01 -18.06
CA VAL A 19 3.82 -6.29 -18.90
C VAL A 19 4.28 -7.06 -20.13
N GLY A 20 3.99 -8.35 -20.18
CA GLY A 20 4.39 -9.19 -21.29
C GLY A 20 3.28 -9.34 -22.31
N TYR A 21 3.60 -9.10 -23.58
CA TYR A 21 2.62 -9.25 -24.64
C TYR A 21 2.95 -10.44 -25.54
N GLY A 22 1.92 -11.12 -26.00
CA GLY A 22 2.09 -12.26 -26.90
C GLY A 22 1.18 -12.14 -28.10
N ILE A 23 1.79 -12.12 -29.29
CA ILE A 23 1.03 -11.99 -30.54
C ILE A 23 1.13 -13.27 -31.36
N ILE A 24 0.03 -14.02 -31.41
CA ILE A 24 0.01 -15.28 -32.14
C ILE A 24 -1.12 -15.30 -33.16
N ASP A 25 -0.93 -16.04 -34.25
CA ASP A 25 -1.92 -16.09 -35.33
C ASP A 25 -3.20 -16.81 -34.90
N TYR A 26 -4.35 -16.25 -35.27
CA TYR A 26 -5.64 -16.76 -34.83
C TYR A 26 -6.00 -18.09 -35.48
N GLU A 27 -5.27 -18.45 -36.54
CA GLU A 27 -5.53 -19.69 -37.25
C GLU A 27 -4.28 -20.57 -37.35
N THR A 28 -3.16 -19.94 -37.73
CA THR A 28 -1.91 -20.66 -37.92
C THR A 28 -1.31 -21.09 -36.59
N ARG A 29 -1.68 -20.37 -35.53
CA ARG A 29 -1.19 -20.63 -34.17
C ARG A 29 0.33 -20.47 -34.09
N ASP A 30 0.87 -19.65 -34.99
CA ASP A 30 2.31 -19.38 -35.00
C ASP A 30 2.59 -18.02 -34.37
N VAL A 31 3.60 -17.96 -33.52
CA VAL A 31 3.92 -16.72 -32.82
C VAL A 31 4.46 -15.67 -33.77
N ILE A 32 3.75 -14.56 -33.87
CA ILE A 32 4.16 -13.45 -34.71
C ILE A 32 5.25 -12.63 -34.03
N ASP A 33 4.96 -12.20 -32.80
CA ASP A 33 5.90 -11.41 -32.01
C ASP A 33 5.59 -11.51 -30.53
N ALA A 34 6.59 -11.28 -29.69
CA ALA A 34 6.42 -11.34 -28.25
C ALA A 34 7.54 -10.57 -27.54
N GLY A 35 7.18 -9.86 -26.47
CA GLY A 35 8.15 -9.07 -25.74
C GLY A 35 7.66 -8.64 -24.36
N VAL A 36 8.50 -7.89 -23.65
CA VAL A 36 8.17 -7.44 -22.31
C VAL A 36 8.40 -5.95 -22.13
N ARG A 37 7.46 -5.29 -21.46
CA ARG A 37 7.63 -3.91 -21.04
C ARG A 37 7.99 -3.89 -19.56
N LEU A 38 9.09 -3.23 -19.22
CA LEU A 38 9.60 -3.27 -17.86
C LEU A 38 9.65 -1.89 -17.22
N PHE A 39 9.32 -1.83 -15.93
CA PHE A 39 9.21 -0.56 -15.21
C PHE A 39 9.34 -0.77 -13.71
N LYS A 40 9.50 0.33 -12.98
CA LYS A 40 9.65 0.25 -11.53
C LYS A 40 8.29 0.01 -10.87
N GLU A 41 8.30 -0.71 -9.75
CA GLU A 41 7.08 -0.94 -8.99
C GLU A 41 6.60 0.36 -8.36
N ALA A 42 5.37 0.75 -8.68
CA ALA A 42 4.80 1.97 -8.12
C ALA A 42 4.20 1.72 -6.74
N ASN A 43 5.02 1.26 -5.79
CA ASN A 43 4.52 0.95 -4.46
C ASN A 43 4.24 2.19 -3.62
N VAL A 44 3.33 2.07 -2.66
CA VAL A 44 2.80 3.21 -1.91
C VAL A 44 3.87 3.94 -1.10
N GLU A 45 4.95 3.24 -0.74
CA GLU A 45 6.00 3.81 0.10
C GLU A 45 6.69 5.00 -0.54
N ASN A 46 6.70 5.04 -1.87
CA ASN A 46 7.31 6.15 -2.59
C ASN A 46 6.61 7.47 -2.30
N ASN A 47 5.30 7.52 -2.55
CA ASN A 47 4.54 8.72 -2.25
C ASN A 47 4.45 8.97 -0.74
N GLU A 48 4.44 7.89 0.03
CA GLU A 48 4.41 8.00 1.48
C GLU A 48 5.63 8.73 2.00
N GLY A 49 6.78 8.44 1.40
CA GLY A 49 8.01 9.11 1.77
C GLY A 49 7.93 10.61 1.53
N ARG A 50 7.41 10.98 0.36
CA ARG A 50 7.23 12.39 0.02
C ARG A 50 6.29 13.09 0.99
N ARG A 51 5.16 12.46 1.27
CA ARG A 51 4.18 13.04 2.19
C ARG A 51 4.74 13.12 3.59
N SER A 52 5.51 12.10 3.98
CA SER A 52 6.11 12.07 5.30
C SER A 52 7.15 13.17 5.47
N LYS A 53 7.97 13.36 4.44
CA LYS A 53 8.97 14.42 4.46
C LYS A 53 8.30 15.79 4.42
N ARG A 54 7.22 15.90 3.65
CA ARG A 54 6.48 17.16 3.58
C ARG A 54 5.91 17.54 4.94
N GLY A 55 5.39 16.54 5.65
CA GLY A 55 4.86 16.77 6.98
C GLY A 55 5.95 17.13 7.97
N ALA A 56 7.10 16.48 7.84
CA ALA A 56 8.23 16.72 8.74
C ALA A 56 8.73 18.15 8.63
N ARG A 57 8.72 18.70 7.41
CA ARG A 57 9.18 20.07 7.19
C ARG A 57 8.23 21.07 7.85
N ARG A 58 6.94 20.80 7.80
CA ARG A 58 5.95 21.67 8.41
C ARG A 58 6.08 21.67 9.94
N LEU A 59 6.37 20.49 10.49
CA LEU A 59 6.56 20.36 11.93
C LEU A 59 7.75 21.18 12.41
N LYS A 60 8.87 21.03 11.72
CA LYS A 60 10.10 21.75 12.04
C LYS A 60 9.91 23.26 11.86
N ARG A 61 9.22 23.62 10.79
CA ARG A 61 8.96 25.02 10.48
C ARG A 61 8.10 25.69 11.54
N ARG A 62 7.00 25.05 11.88
CA ARG A 62 6.05 25.62 12.83
C ARG A 62 6.57 25.59 14.26
N ARG A 63 7.40 24.59 14.57
CA ARG A 63 8.05 24.55 15.87
C ARG A 63 9.01 25.73 16.01
N ARG A 64 9.74 26.01 14.94
CA ARG A 64 10.65 27.15 14.91
C ARG A 64 9.87 28.45 15.00
N HIS A 65 8.82 28.55 14.20
CA HIS A 65 7.99 29.76 14.15
C HIS A 65 7.32 30.00 15.50
N ARG A 66 6.98 28.93 16.20
CA ARG A 66 6.40 29.04 17.53
C ARG A 66 7.39 29.67 18.50
N ILE A 67 8.65 29.25 18.41
CA ILE A 67 9.71 29.78 19.27
C ILE A 67 9.97 31.25 18.98
N GLN A 68 10.06 31.59 17.69
CA GLN A 68 10.35 32.96 17.27
C GLN A 68 9.27 33.93 17.73
N ARG A 69 8.03 33.46 17.77
CA ARG A 69 6.92 34.28 18.24
C ARG A 69 6.99 34.49 19.74
N VAL A 70 7.43 33.46 20.47
CA VAL A 70 7.59 33.57 21.91
C VAL A 70 8.73 34.52 22.25
N LYS A 71 9.82 34.42 21.52
CA LYS A 71 10.94 35.35 21.68
C LYS A 71 10.52 36.78 21.34
N LYS A 72 9.63 36.89 20.35
CA LYS A 72 9.11 38.19 19.95
C LYS A 72 8.24 38.79 21.04
N LEU A 73 7.52 37.93 21.75
CA LEU A 73 6.68 38.35 22.87
C LEU A 73 7.55 38.86 24.02
N LEU A 74 8.69 38.21 24.22
CA LEU A 74 9.62 38.60 25.27
C LEU A 74 10.36 39.88 24.88
N PHE A 75 10.55 40.08 23.57
CA PHE A 75 11.19 41.29 23.08
C PHE A 75 10.30 42.51 23.29
N ASP A 76 9.02 42.36 22.98
CA ASP A 76 8.07 43.47 23.08
C ASP A 76 7.80 43.87 24.53
N TYR A 77 7.83 42.90 25.43
CA TYR A 77 7.61 43.16 26.85
C TYR A 77 8.94 43.44 27.55
N ASN A 78 10.02 43.43 26.79
CA ASN A 78 11.36 43.77 27.26
C ASN A 78 11.83 42.87 28.41
N LEU A 79 11.82 41.56 28.16
CA LEU A 79 12.42 40.60 29.08
C LEU A 79 13.59 39.91 28.40
N LEU A 80 13.81 40.26 27.13
CA LEU A 80 14.88 39.66 26.33
C LEU A 80 15.44 40.67 25.36
N THR A 81 16.77 40.76 25.28
CA THR A 81 17.42 41.67 24.35
C THR A 81 18.52 40.94 23.57
N ASP A 82 19.17 41.66 22.67
CA ASP A 82 20.28 41.11 21.89
C ASP A 82 21.54 41.01 22.74
N HIS A 83 21.56 41.74 23.84
CA HIS A 83 22.69 41.74 24.75
C HIS A 83 22.49 40.73 25.88
N SER A 84 21.23 40.43 26.18
CA SER A 84 20.88 39.50 27.24
C SER A 84 21.37 38.09 26.93
N GLU A 85 22.26 37.57 27.77
CA GLU A 85 22.84 36.25 27.56
C GLU A 85 22.19 35.19 28.45
N LEU A 86 21.81 34.08 27.84
CA LEU A 86 21.23 32.96 28.58
C LEU A 86 21.76 31.62 28.06
N SER A 87 23.02 31.32 28.39
CA SER A 87 23.66 30.12 27.89
C SER A 87 23.79 29.05 28.98
N GLY A 88 24.32 29.45 30.13
CA GLY A 88 24.57 28.51 31.21
C GLY A 88 23.36 28.19 32.06
N ILE A 89 22.21 28.72 31.67
CA ILE A 89 20.99 28.50 32.44
C ILE A 89 20.41 27.11 32.18
N ASN A 90 19.92 26.48 33.25
CA ASN A 90 19.32 25.16 33.16
C ASN A 90 17.80 25.28 33.24
N PRO A 91 17.12 25.00 32.12
CA PRO A 91 15.66 25.13 32.01
C PRO A 91 14.91 24.35 33.10
N TYR A 92 15.31 23.09 33.31
CA TYR A 92 14.66 22.25 34.31
C TYR A 92 14.83 22.82 35.72
N GLU A 93 15.99 23.40 35.98
CA GLU A 93 16.24 24.06 37.26
C GLU A 93 15.45 25.36 37.35
N ALA A 94 15.29 26.04 36.22
CA ALA A 94 14.59 27.31 36.17
C ALA A 94 13.08 27.13 36.27
N ARG A 95 12.56 26.13 35.57
CA ARG A 95 11.12 25.89 35.55
C ARG A 95 10.61 25.40 36.92
N VAL A 96 11.48 24.71 37.65
CA VAL A 96 11.13 24.26 39.00
C VAL A 96 11.17 25.41 39.98
N LYS A 97 12.22 26.23 39.87
CA LYS A 97 12.39 27.38 40.76
C LYS A 97 11.29 28.43 40.54
N GLY A 98 10.77 28.49 39.32
CA GLY A 98 9.75 29.46 38.97
C GLY A 98 8.38 29.11 39.51
N LEU A 99 8.22 27.87 39.96
CA LEU A 99 6.95 27.42 40.51
C LEU A 99 6.77 27.82 41.96
N SER A 100 7.84 28.37 42.56
CA SER A 100 7.81 28.72 43.97
C SER A 100 8.52 30.05 44.25
N GLN A 101 9.69 30.23 43.65
CA GLN A 101 10.52 31.40 43.96
C GLN A 101 10.60 32.37 42.78
N LYS A 102 11.60 33.26 42.83
CA LYS A 102 11.77 34.27 41.80
C LYS A 102 12.77 33.84 40.73
N LEU A 103 12.60 34.39 39.53
CA LEU A 103 13.48 34.08 38.41
C LEU A 103 14.01 35.34 37.76
N SER A 104 15.23 35.27 37.25
CA SER A 104 15.81 36.36 36.48
C SER A 104 15.09 36.48 35.14
N GLU A 105 15.17 37.64 34.52
CA GLU A 105 14.54 37.86 33.21
C GLU A 105 15.17 36.97 32.14
N GLU A 106 16.39 36.50 32.42
CA GLU A 106 17.07 35.58 31.53
C GLU A 106 16.74 34.13 31.93
N GLU A 107 16.44 33.95 33.21
CA GLU A 107 16.13 32.63 33.75
C GLU A 107 14.67 32.30 33.56
N PHE A 108 13.82 33.33 33.55
CA PHE A 108 12.39 33.16 33.36
C PHE A 108 12.03 33.01 31.88
N SER A 109 12.78 33.72 31.03
CA SER A 109 12.55 33.67 29.59
C SER A 109 12.93 32.30 29.02
N ALA A 110 14.06 31.78 29.46
CA ALA A 110 14.55 30.49 28.99
C ALA A 110 13.63 29.35 29.43
N ALA A 111 12.93 29.57 30.54
CA ALA A 111 11.97 28.60 31.04
C ALA A 111 10.77 28.52 30.11
N LEU A 112 10.33 29.69 29.62
CA LEU A 112 9.20 29.76 28.72
C LEU A 112 9.54 29.23 27.33
N LEU A 113 10.79 29.43 26.92
CA LEU A 113 11.25 28.96 25.62
C LEU A 113 11.34 27.44 25.56
N HIS A 114 11.83 26.85 26.65
CA HIS A 114 11.98 25.40 26.73
C HIS A 114 10.61 24.72 26.71
N LEU A 115 9.64 25.33 27.38
CA LEU A 115 8.28 24.83 27.36
C LEU A 115 7.68 24.89 25.97
N ALA A 116 7.93 26.00 25.28
CA ALA A 116 7.37 26.22 23.94
C ALA A 116 7.94 25.25 22.91
N LYS A 117 9.17 24.80 23.13
CA LYS A 117 9.83 23.88 22.20
C LYS A 117 9.20 22.50 22.22
N ARG A 118 9.09 21.92 23.42
CA ARG A 118 8.51 20.59 23.58
C ARG A 118 7.22 20.66 24.39
N ARG A 119 6.10 20.82 23.69
CA ARG A 119 4.82 21.12 24.33
C ARG A 119 3.90 19.91 24.57
N GLY A 120 4.25 18.76 23.97
CA GLY A 120 3.53 17.53 24.24
C GLY A 120 2.28 17.27 23.42
N VAL A 121 1.64 16.13 23.68
CA VAL A 121 0.47 15.70 22.92
C VAL A 121 -0.83 16.27 23.50
N HIS A 122 -1.91 16.14 22.73
CA HIS A 122 -3.20 16.71 23.13
C HIS A 122 -4.35 15.72 22.97
N ASN A 123 -4.24 14.81 22.01
CA ASN A 123 -5.33 13.91 21.67
C ASN A 123 -5.27 12.57 22.41
N VAL A 124 -4.05 12.09 22.65
CA VAL A 124 -3.86 10.79 23.30
C VAL A 124 -4.28 10.84 24.77
N ASN A 125 -4.21 12.03 25.36
CA ASN A 125 -4.46 12.23 26.79
C ASN A 125 -5.83 11.79 27.29
N GLU A 126 -6.78 11.59 26.38
CA GLU A 126 -8.15 11.30 26.74
C GLU A 126 -8.32 9.96 27.47
N VAL A 127 -7.81 8.89 26.87
CA VAL A 127 -8.04 7.55 27.37
C VAL A 127 -6.79 6.90 27.98
N GLU A 128 -6.94 6.38 29.20
CA GLU A 128 -5.86 5.64 29.84
C GLU A 128 -5.68 4.27 29.18
N GLU A 129 -4.50 3.71 29.31
CA GLU A 129 -4.22 2.40 28.73
C GLU A 129 -3.31 1.56 29.64
N ASP A 130 -3.72 0.32 29.89
CA ASP A 130 -2.94 -0.59 30.72
C ASP A 130 -1.57 -0.85 30.12
N THR A 131 -0.53 -0.59 30.90
CA THR A 131 0.85 -0.69 30.43
C THR A 131 1.24 -2.14 30.16
N GLY A 132 1.20 -2.53 28.89
CA GLY A 132 1.59 -3.87 28.49
C GLY A 132 3.07 -3.95 28.17
N ASN A 133 3.87 -3.24 28.95
CA ASN A 133 5.33 -3.21 28.80
C ASN A 133 5.78 -2.72 27.42
N GLU A 134 4.89 -2.07 26.69
CA GLU A 134 5.23 -1.52 25.39
C GLU A 134 5.64 -0.06 25.51
N LEU A 135 6.38 0.43 24.51
CA LEU A 135 6.83 1.81 24.49
C LEU A 135 5.92 2.67 23.62
N SER A 136 4.61 2.44 23.75
CA SER A 136 3.64 3.22 22.99
C SER A 136 3.36 4.54 23.68
N THR A 137 2.89 5.52 22.91
CA THR A 137 2.59 6.84 23.46
C THR A 137 1.43 6.75 24.45
N LYS A 138 0.46 5.91 24.15
CA LYS A 138 -0.72 5.75 25.00
C LYS A 138 -0.35 5.25 26.40
N GLU A 139 0.50 4.24 26.45
CA GLU A 139 0.93 3.67 27.73
C GLU A 139 1.84 4.64 28.49
N GLN A 140 2.67 5.36 27.75
CA GLN A 140 3.63 6.27 28.36
C GLN A 140 2.93 7.48 28.98
N ILE A 141 1.96 8.03 28.26
CA ILE A 141 1.16 9.13 28.78
C ILE A 141 0.44 8.71 30.06
N SER A 142 -0.13 7.51 30.03
CA SER A 142 -0.81 6.95 31.19
C SER A 142 0.16 6.74 32.36
N ARG A 143 1.40 6.38 32.03
CA ARG A 143 2.41 6.13 33.03
C ARG A 143 2.85 7.41 33.75
N ASN A 144 3.05 8.46 32.96
CA ASN A 144 3.49 9.74 33.51
C ASN A 144 2.40 10.43 34.32
N SER A 145 1.14 10.22 33.92
CA SER A 145 0.00 10.83 34.59
C SER A 145 -0.06 10.44 36.06
N LYS A 146 0.21 9.17 36.34
CA LYS A 146 0.21 8.67 37.70
C LYS A 146 1.39 9.19 38.49
N ALA A 147 2.45 9.58 37.78
CA ALA A 147 3.64 10.13 38.40
C ALA A 147 3.54 11.65 38.56
N LEU A 148 2.55 12.24 37.89
CA LEU A 148 2.32 13.68 37.97
C LEU A 148 1.12 14.00 38.85
N GLU A 149 0.67 13.02 39.63
CA GLU A 149 -0.51 13.18 40.47
C GLU A 149 -0.28 14.23 41.55
N GLU A 150 0.98 14.41 41.95
CA GLU A 150 1.32 15.38 42.98
C GLU A 150 2.41 16.34 42.52
N LYS A 151 3.10 15.97 41.44
CA LYS A 151 4.19 16.79 40.93
C LYS A 151 3.87 17.42 39.58
N TYR A 152 4.46 18.57 39.31
CA TYR A 152 4.39 19.18 37.99
C TYR A 152 5.36 18.49 37.05
N VAL A 153 5.30 18.84 35.76
CA VAL A 153 6.15 18.20 34.76
C VAL A 153 7.63 18.50 34.99
N ALA A 154 7.95 19.77 35.20
CA ALA A 154 9.33 20.19 35.40
C ALA A 154 9.95 19.52 36.62
N GLU A 155 9.13 19.32 37.66
CA GLU A 155 9.59 18.67 38.88
C GLU A 155 9.95 17.22 38.64
N LEU A 156 9.12 16.54 37.84
CA LEU A 156 9.36 15.13 37.51
C LEU A 156 10.61 14.98 36.64
N GLN A 157 10.77 15.90 35.69
CA GLN A 157 11.92 15.88 34.80
C GLN A 157 13.21 16.19 35.55
N LEU A 158 13.12 17.12 36.51
CA LEU A 158 14.28 17.48 37.31
C LEU A 158 14.71 16.31 38.20
N GLU A 159 13.74 15.57 38.72
CA GLU A 159 14.02 14.39 39.53
C GLU A 159 14.70 13.32 38.70
N ARG A 160 14.23 13.14 37.47
CA ARG A 160 14.84 12.17 36.56
C ARG A 160 16.25 12.61 36.17
N LEU A 161 16.45 13.92 36.08
CA LEU A 161 17.75 14.47 35.71
C LEU A 161 18.78 14.27 36.82
N LYS A 162 18.31 14.27 38.06
CA LYS A 162 19.20 14.07 39.21
C LYS A 162 19.41 12.59 39.51
N LYS A 163 18.33 11.81 39.41
CA LYS A 163 18.38 10.40 39.75
C LYS A 163 18.96 9.54 38.63
N ASP A 164 18.47 9.75 37.41
CA ASP A 164 18.87 8.93 36.28
C ASP A 164 19.94 9.60 35.42
N GLY A 165 20.06 10.92 35.56
CA GLY A 165 21.07 11.66 34.83
C GLY A 165 20.65 12.06 33.43
N GLU A 166 19.43 11.70 33.05
CA GLU A 166 18.92 12.02 31.72
C GLU A 166 17.43 12.37 31.76
N VAL A 167 16.98 13.13 30.77
CA VAL A 167 15.58 13.52 30.68
C VAL A 167 14.98 13.08 29.34
N ARG A 168 15.72 13.31 28.27
CA ARG A 168 15.26 12.99 26.92
C ARG A 168 15.08 11.49 26.72
N GLY A 169 14.24 11.11 25.77
CA GLY A 169 14.00 9.71 25.48
C GLY A 169 12.53 9.35 25.31
N SER A 170 12.22 8.08 25.49
CA SER A 170 10.86 7.58 25.33
C SER A 170 9.95 8.05 26.46
N ILE A 171 10.52 8.25 27.64
CA ILE A 171 9.75 8.62 28.82
C ILE A 171 9.36 10.10 28.82
N ASN A 172 9.94 10.87 27.91
CA ASN A 172 9.69 12.31 27.88
C ASN A 172 8.43 12.68 27.12
N ARG A 173 7.42 11.82 27.18
CA ARG A 173 6.14 12.07 26.52
C ARG A 173 5.08 12.49 27.54
N PHE A 174 4.57 13.71 27.39
CA PHE A 174 3.59 14.24 28.32
C PHE A 174 2.41 14.89 27.58
N LYS A 175 1.32 15.13 28.29
CA LYS A 175 0.18 15.84 27.72
C LYS A 175 0.51 17.31 27.58
N THR A 176 -0.14 17.98 26.63
CA THR A 176 0.01 19.42 26.48
C THR A 176 -0.55 20.13 27.71
N SER A 177 -1.69 19.65 28.19
CA SER A 177 -2.35 20.21 29.37
C SER A 177 -1.45 20.16 30.59
N ASP A 178 -0.59 19.15 30.66
CA ASP A 178 0.35 19.01 31.75
C ASP A 178 1.39 20.13 31.73
N TYR A 179 1.87 20.45 30.54
CA TYR A 179 2.80 21.56 30.37
C TYR A 179 2.10 22.89 30.63
N VAL A 180 0.89 23.02 30.11
CA VAL A 180 0.09 24.24 30.30
C VAL A 180 -0.24 24.47 31.77
N LYS A 181 -0.53 23.38 32.48
CA LYS A 181 -0.80 23.46 33.91
C LYS A 181 0.43 23.96 34.67
N GLU A 182 1.61 23.57 34.19
CA GLU A 182 2.85 24.04 34.78
C GLU A 182 3.10 25.50 34.41
N ALA A 183 2.82 25.84 33.16
CA ALA A 183 3.05 27.19 32.65
C ALA A 183 2.20 28.23 33.38
N LYS A 184 0.92 27.89 33.60
CA LYS A 184 0.01 28.78 34.33
C LYS A 184 0.52 29.04 35.75
N GLN A 185 0.87 27.96 36.43
CA GLN A 185 1.41 28.02 37.78
C GLN A 185 2.68 28.85 37.83
N LEU A 186 3.54 28.64 36.84
CA LEU A 186 4.79 29.39 36.75
C LEU A 186 4.52 30.87 36.51
N LEU A 187 3.62 31.15 35.56
CA LEU A 187 3.25 32.52 35.25
C LEU A 187 2.54 33.19 36.44
N LYS A 188 1.82 32.40 37.23
CA LYS A 188 1.10 32.93 38.38
C LYS A 188 2.07 33.41 39.46
N VAL A 189 3.13 32.63 39.67
CA VAL A 189 4.17 32.95 40.65
C VAL A 189 5.04 34.12 40.19
N GLN A 190 5.34 34.15 38.89
CA GLN A 190 6.25 35.14 38.33
C GLN A 190 5.52 36.42 37.90
N LYS A 191 4.20 36.45 38.06
CA LYS A 191 3.40 37.61 37.66
C LYS A 191 3.80 38.88 38.43
N ALA A 192 3.93 38.76 39.75
CA ALA A 192 4.21 39.91 40.59
C ALA A 192 5.60 40.50 40.37
N TYR A 193 6.56 39.64 40.02
CA TYR A 193 7.96 40.07 39.94
C TYR A 193 8.27 40.81 38.64
N HIS A 194 7.55 40.48 37.57
CA HIS A 194 7.81 41.10 36.27
C HIS A 194 6.56 41.84 35.79
N GLN A 195 6.76 42.99 35.16
CA GLN A 195 5.64 43.80 34.70
C GLN A 195 4.99 43.21 33.45
N LEU A 196 3.91 42.46 33.68
CA LEU A 196 3.14 41.90 32.58
C LEU A 196 1.64 42.05 32.82
N ASP A 197 0.85 41.83 31.77
CA ASP A 197 -0.60 41.99 31.87
C ASP A 197 -1.32 40.65 31.69
N GLN A 198 -2.62 40.70 31.45
CA GLN A 198 -3.39 39.49 31.19
C GLN A 198 -3.25 39.10 29.73
N SER A 199 -2.80 40.04 28.92
CA SER A 199 -2.60 39.79 27.50
C SER A 199 -1.34 38.96 27.26
N PHE A 200 -0.37 39.12 28.14
CA PHE A 200 0.89 38.37 28.06
C PHE A 200 0.68 36.91 28.41
N ILE A 201 -0.03 36.66 29.51
CA ILE A 201 -0.26 35.30 29.98
C ILE A 201 -1.20 34.55 29.05
N ASP A 202 -2.14 35.26 28.43
CA ASP A 202 -3.07 34.65 27.49
C ASP A 202 -2.37 34.31 26.17
N THR A 203 -1.51 35.20 25.71
CA THR A 203 -0.81 35.02 24.44
C THR A 203 0.15 33.83 24.49
N TYR A 204 0.94 33.75 25.56
CA TYR A 204 1.92 32.67 25.69
C TYR A 204 1.25 31.30 25.81
N ILE A 205 0.27 31.20 26.70
CA ILE A 205 -0.46 29.95 26.89
C ILE A 205 -1.09 29.51 25.57
N ASP A 206 -1.66 30.46 24.85
CA ASP A 206 -2.18 30.21 23.52
C ASP A 206 -1.12 29.60 22.62
N LEU A 207 -0.03 30.35 22.44
CA LEU A 207 1.10 29.91 21.62
C LEU A 207 1.61 28.53 22.04
N LEU A 208 1.58 28.26 23.34
CA LEU A 208 2.08 27.01 23.89
C LEU A 208 1.21 25.81 23.51
N GLU A 209 -0.09 26.02 23.42
CA GLU A 209 -1.01 24.91 23.21
C GLU A 209 -1.64 24.88 21.82
N THR A 210 -1.68 26.04 21.15
CA THR A 210 -2.36 26.15 19.87
C THR A 210 -1.67 25.36 18.76
N ARG A 211 -2.45 24.55 18.06
CA ARG A 211 -1.97 23.85 16.88
C ARG A 211 -3.12 23.77 15.87
N ARG A 212 -2.76 23.73 14.59
CA ARG A 212 -3.77 23.66 13.53
C ARG A 212 -4.56 22.36 13.62
N THR A 213 -5.82 22.41 13.20
CA THR A 213 -6.66 21.22 13.18
C THR A 213 -6.57 20.55 11.81
N TYR A 214 -7.13 19.36 11.69
CA TYR A 214 -7.09 18.62 10.44
C TYR A 214 -7.95 19.30 9.37
N TYR A 215 -8.98 20.02 9.81
CA TYR A 215 -9.89 20.68 8.88
C TYR A 215 -9.47 22.13 8.60
N GLU A 216 -8.50 22.62 9.36
CA GLU A 216 -7.96 23.96 9.13
C GLU A 216 -6.87 23.91 8.06
N GLY A 217 -6.03 22.89 8.11
CA GLY A 217 -4.98 22.71 7.13
C GLY A 217 -3.88 23.75 7.19
N PRO A 218 -3.04 23.81 6.15
CA PRO A 218 -1.90 24.73 6.08
C PRO A 218 -2.31 26.18 5.88
N GLY A 219 -1.32 27.07 5.82
CA GLY A 219 -1.57 28.49 5.69
C GLY A 219 -2.08 28.92 4.32
N GLU A 220 -1.97 30.21 4.03
CA GLU A 220 -2.60 30.81 2.87
C GLU A 220 -1.96 30.41 1.53
N GLY A 221 -0.65 30.17 1.54
CA GLY A 221 0.07 29.92 0.31
C GLY A 221 -0.01 28.52 -0.26
N SER A 222 -0.22 27.52 0.60
CA SER A 222 -0.11 26.12 0.19
C SER A 222 -1.08 25.70 -0.90
N PRO A 223 -0.58 24.91 -1.87
CA PRO A 223 -1.42 24.26 -2.89
C PRO A 223 -2.16 23.06 -2.32
N PHE A 224 -1.85 22.72 -1.07
CA PHE A 224 -2.52 21.62 -0.37
C PHE A 224 -3.62 22.15 0.55
N GLY A 225 -3.81 23.47 0.53
CA GLY A 225 -4.71 24.11 1.47
C GLY A 225 -6.05 24.55 0.88
N TRP A 226 -6.87 25.14 1.75
CA TRP A 226 -8.20 25.61 1.35
C TRP A 226 -8.53 26.92 2.06
N LYS A 227 -9.51 27.65 1.55
CA LYS A 227 -9.84 28.96 2.10
C LYS A 227 -10.76 28.85 3.31
N ASP A 228 -11.61 27.83 3.33
CA ASP A 228 -12.53 27.62 4.45
C ASP A 228 -12.99 26.17 4.57
N ILE A 229 -13.76 25.90 5.62
CA ILE A 229 -14.28 24.56 5.90
C ILE A 229 -15.24 24.10 4.81
N LYS A 230 -16.00 25.04 4.25
CA LYS A 230 -16.95 24.73 3.19
C LYS A 230 -16.25 24.24 1.93
N GLU A 231 -15.24 24.98 1.49
CA GLU A 231 -14.45 24.56 0.33
C GLU A 231 -13.74 23.24 0.61
N TRP A 232 -13.30 23.08 1.84
CA TRP A 232 -12.59 21.87 2.27
C TRP A 232 -13.46 20.62 2.13
N TYR A 233 -14.70 20.69 2.60
CA TYR A 233 -15.58 19.54 2.58
C TYR A 233 -16.14 19.26 1.19
N GLU A 234 -16.42 20.32 0.45
CA GLU A 234 -17.04 20.17 -0.87
C GLU A 234 -16.09 19.55 -1.89
N MET A 235 -14.80 19.86 -1.78
CA MET A 235 -13.82 19.28 -2.69
C MET A 235 -13.62 17.80 -2.39
N LEU A 236 -13.78 17.43 -1.12
CA LEU A 236 -13.60 16.04 -0.70
C LEU A 236 -14.81 15.17 -1.02
N MET A 237 -16.01 15.67 -0.75
CA MET A 237 -17.23 14.90 -0.94
C MET A 237 -17.46 14.58 -2.42
N GLY A 238 -18.18 13.49 -2.67
CA GLY A 238 -18.45 13.05 -4.03
C GLY A 238 -19.67 13.71 -4.63
N HIS A 239 -20.02 13.30 -5.85
CA HIS A 239 -21.17 13.86 -6.54
C HIS A 239 -22.29 12.83 -6.69
N CYS A 240 -23.48 13.31 -7.01
CA CYS A 240 -24.66 12.45 -7.12
C CYS A 240 -24.53 11.46 -8.28
N THR A 241 -25.13 10.29 -8.12
CA THR A 241 -25.11 9.25 -9.14
C THR A 241 -25.89 9.68 -10.39
N TYR A 242 -27.02 10.33 -10.17
CA TYR A 242 -27.91 10.70 -11.28
C TYR A 242 -27.78 12.18 -11.65
N PHE A 243 -27.18 12.97 -10.76
CA PHE A 243 -26.89 14.36 -11.05
C PHE A 243 -25.42 14.67 -10.76
N PRO A 244 -24.55 14.36 -11.73
CA PRO A 244 -23.09 14.51 -11.60
C PRO A 244 -22.66 15.93 -11.23
N GLU A 245 -23.37 16.93 -11.73
CA GLU A 245 -23.03 18.32 -11.43
C GLU A 245 -23.44 18.71 -10.01
N GLU A 246 -24.27 17.87 -9.39
CA GLU A 246 -24.74 18.14 -8.03
C GLU A 246 -23.90 17.41 -6.99
N LEU A 247 -23.53 18.13 -5.93
CA LEU A 247 -22.82 17.51 -4.83
C LEU A 247 -23.76 16.59 -4.07
N ARG A 248 -23.21 15.51 -3.51
CA ARG A 248 -23.98 14.56 -2.74
C ARG A 248 -24.65 15.23 -1.55
N SER A 249 -25.66 14.58 -1.00
CA SER A 249 -26.31 15.06 0.22
C SER A 249 -25.57 14.55 1.43
N VAL A 250 -25.68 15.26 2.55
CA VAL A 250 -25.18 14.76 3.82
C VAL A 250 -25.96 13.50 4.17
N LYS A 251 -25.25 12.48 4.64
CA LYS A 251 -25.82 11.16 4.89
C LYS A 251 -27.06 11.18 5.78
N TYR A 252 -27.09 12.09 6.75
CA TYR A 252 -28.15 12.08 7.74
C TYR A 252 -29.02 13.34 7.70
N ALA A 253 -29.27 13.84 6.50
CA ALA A 253 -30.27 14.88 6.31
C ALA A 253 -31.64 14.28 6.55
N TYR A 254 -32.62 15.13 6.86
CA TYR A 254 -33.96 14.63 7.15
C TYR A 254 -34.58 13.99 5.92
N ASN A 255 -34.54 14.69 4.80
CA ASN A 255 -35.11 14.18 3.55
C ASN A 255 -34.37 12.94 3.07
N ALA A 256 -33.12 12.81 3.47
CA ALA A 256 -32.31 11.65 3.11
C ALA A 256 -32.81 10.39 3.81
N ASP A 257 -33.03 10.50 5.12
CA ASP A 257 -33.51 9.36 5.91
C ASP A 257 -34.97 9.06 5.60
N LEU A 258 -35.72 10.10 5.24
CA LEU A 258 -37.11 9.91 4.82
C LEU A 258 -37.14 9.15 3.51
N TYR A 259 -36.21 9.49 2.62
CA TYR A 259 -36.03 8.77 1.37
C TYR A 259 -35.68 7.30 1.65
N ASN A 260 -34.79 7.09 2.61
CA ASN A 260 -34.40 5.74 3.00
C ASN A 260 -35.57 4.95 3.59
N ALA A 261 -36.34 5.61 4.45
CA ALA A 261 -37.47 4.96 5.11
C ALA A 261 -38.56 4.61 4.12
N LEU A 262 -38.84 5.52 3.19
CA LEU A 262 -39.89 5.32 2.20
C LEU A 262 -39.55 4.18 1.25
N ASN A 263 -38.26 4.00 0.96
CA ASN A 263 -37.81 2.88 0.15
C ASN A 263 -38.01 1.56 0.87
N ASP A 264 -37.81 1.56 2.19
CA ASP A 264 -38.04 0.39 3.01
C ASP A 264 -39.49 -0.04 2.97
N LEU A 265 -40.39 0.93 3.09
CA LEU A 265 -41.83 0.65 3.12
C LEU A 265 -42.35 0.22 1.76
N ASN A 266 -41.77 0.78 0.69
CA ASN A 266 -42.19 0.45 -0.67
C ASN A 266 -41.68 -0.91 -1.11
N ASN A 267 -40.65 -1.40 -0.43
CA ASN A 267 -40.10 -2.72 -0.74
C ASN A 267 -40.79 -3.81 0.09
N LEU A 268 -41.65 -3.39 1.01
CA LEU A 268 -42.40 -4.33 1.82
C LEU A 268 -43.51 -5.00 1.03
N VAL A 269 -43.77 -6.27 1.35
CA VAL A 269 -44.87 -7.00 0.76
C VAL A 269 -45.76 -7.55 1.88
N ILE A 270 -47.03 -7.15 1.88
CA ILE A 270 -47.95 -7.58 2.92
C ILE A 270 -49.01 -8.53 2.38
N THR A 271 -49.12 -9.71 2.97
CA THR A 271 -50.13 -10.68 2.55
C THR A 271 -51.44 -10.45 3.29
N ARG A 272 -52.38 -9.80 2.61
CA ARG A 272 -53.68 -9.50 3.20
C ARG A 272 -54.77 -9.48 2.14
N ASP A 273 -56.00 -9.22 2.57
CA ASP A 273 -57.13 -9.17 1.66
C ASP A 273 -57.04 -7.96 0.73
N GLU A 274 -56.60 -6.83 1.30
CA GLU A 274 -56.41 -5.63 0.52
C GLU A 274 -55.03 -5.66 -0.15
N ASN A 275 -54.62 -4.51 -0.70
CA ASN A 275 -53.39 -4.42 -1.49
C ASN A 275 -52.15 -4.93 -0.76
N GLU A 276 -51.28 -5.60 -1.49
CA GLU A 276 -50.05 -6.14 -0.93
C GLU A 276 -49.00 -5.06 -0.71
N LYS A 277 -49.16 -3.96 -1.45
CA LYS A 277 -48.27 -2.81 -1.30
C LYS A 277 -48.93 -1.71 -0.47
N LEU A 278 -48.13 -1.08 0.39
CA LEU A 278 -48.64 -0.06 1.30
C LEU A 278 -49.19 1.16 0.56
N GLU A 279 -50.40 1.57 0.92
CA GLU A 279 -51.01 2.78 0.39
C GLU A 279 -50.30 4.00 0.95
N TYR A 280 -50.56 5.16 0.36
CA TYR A 280 -49.93 6.39 0.82
C TYR A 280 -50.26 6.70 2.27
N TYR A 281 -51.54 6.72 2.60
CA TYR A 281 -51.99 7.05 3.95
C TYR A 281 -51.41 6.08 4.97
N GLU A 282 -51.22 4.83 4.56
CA GLU A 282 -50.62 3.82 5.41
C GLU A 282 -49.17 4.18 5.72
N LYS A 283 -48.41 4.55 4.70
CA LYS A 283 -47.03 4.95 4.89
C LYS A 283 -46.93 6.24 5.69
N PHE A 284 -47.89 7.12 5.50
CA PHE A 284 -47.97 8.35 6.29
C PHE A 284 -48.12 8.03 7.77
N GLN A 285 -49.07 7.15 8.08
CA GLN A 285 -49.32 6.75 9.46
C GLN A 285 -48.12 6.04 10.06
N ILE A 286 -47.50 5.18 9.27
CA ILE A 286 -46.32 4.46 9.72
C ILE A 286 -45.18 5.42 10.06
N ILE A 287 -44.90 6.34 9.16
CA ILE A 287 -43.87 7.36 9.38
C ILE A 287 -44.13 8.17 10.65
N GLU A 288 -45.39 8.54 10.86
CA GLU A 288 -45.76 9.39 11.98
C GLU A 288 -45.87 8.63 13.30
N ASN A 289 -46.31 7.38 13.26
CA ASN A 289 -46.63 6.66 14.49
C ASN A 289 -45.52 5.74 15.01
N VAL A 290 -44.62 5.28 14.14
CA VAL A 290 -43.54 4.41 14.61
C VAL A 290 -42.16 4.93 14.22
N PHE A 291 -42.06 5.66 13.12
CA PHE A 291 -40.76 6.17 12.66
C PHE A 291 -40.40 7.48 13.33
N LYS A 292 -41.38 8.34 13.55
CA LYS A 292 -41.16 9.60 14.22
C LYS A 292 -41.40 9.47 15.72
N GLN A 293 -41.69 8.25 16.16
CA GLN A 293 -41.99 8.00 17.56
C GLN A 293 -40.95 7.09 18.20
N LYS A 294 -40.47 6.11 17.45
CA LYS A 294 -39.47 5.18 17.96
C LYS A 294 -38.17 5.35 17.18
N LYS A 295 -37.05 5.44 17.89
CA LYS A 295 -35.75 5.70 17.27
C LYS A 295 -35.37 4.57 16.33
N LYS A 296 -35.49 3.33 16.80
CA LYS A 296 -35.19 2.17 15.98
C LYS A 296 -36.44 1.32 15.77
N PRO A 297 -37.19 1.61 14.70
CA PRO A 297 -38.46 0.95 14.38
C PRO A 297 -38.32 -0.58 14.25
N THR A 298 -39.24 -1.31 14.88
CA THR A 298 -39.25 -2.76 14.81
C THR A 298 -40.35 -3.25 13.88
N LEU A 299 -40.32 -4.55 13.56
CA LEU A 299 -41.33 -5.14 12.69
C LEU A 299 -42.69 -5.18 13.39
N LYS A 300 -42.67 -5.31 14.72
CA LYS A 300 -43.89 -5.35 15.51
C LYS A 300 -44.66 -4.04 15.45
N GLN A 301 -43.94 -2.93 15.59
CA GLN A 301 -44.54 -1.60 15.59
C GLN A 301 -45.25 -1.30 14.27
N ILE A 302 -44.60 -1.65 13.16
CA ILE A 302 -45.20 -1.45 11.84
C ILE A 302 -46.41 -2.36 11.66
N ALA A 303 -46.30 -3.58 12.18
CA ALA A 303 -47.39 -4.54 12.10
C ALA A 303 -48.60 -4.09 12.91
N LYS A 304 -48.35 -3.55 14.10
CA LYS A 304 -49.42 -3.10 14.97
C LYS A 304 -50.12 -1.87 14.40
N GLU A 305 -49.38 -1.09 13.62
CA GLU A 305 -49.90 0.12 13.01
C GLU A 305 -50.81 -0.20 11.82
N ILE A 306 -50.46 -1.25 11.09
CA ILE A 306 -51.18 -1.60 9.87
C ILE A 306 -52.17 -2.74 10.13
N LEU A 307 -52.27 -3.13 11.40
CA LEU A 307 -53.25 -4.11 11.88
C LEU A 307 -53.11 -5.49 11.22
N VAL A 308 -51.89 -5.93 11.00
CA VAL A 308 -51.63 -7.31 10.58
C VAL A 308 -50.54 -7.89 11.48
N ASN A 309 -50.30 -9.20 11.34
CA ASN A 309 -49.23 -9.84 12.08
C ASN A 309 -47.90 -9.69 11.34
N GLU A 310 -46.80 -9.92 12.04
CA GLU A 310 -45.48 -9.76 11.45
C GLU A 310 -45.23 -10.76 10.32
N GLU A 311 -45.82 -11.95 10.45
CA GLU A 311 -45.61 -13.02 9.49
C GLU A 311 -46.15 -12.66 8.10
N ASP A 312 -47.11 -11.73 8.07
CA ASP A 312 -47.69 -11.28 6.81
C ASP A 312 -46.79 -10.25 6.13
N ILE A 313 -45.75 -9.81 6.83
CA ILE A 313 -44.85 -8.82 6.30
C ILE A 313 -43.52 -9.44 5.87
N LYS A 314 -43.14 -9.20 4.62
CA LYS A 314 -41.88 -9.70 4.08
C LYS A 314 -41.20 -8.64 3.21
N GLY A 315 -40.00 -8.97 2.73
CA GLY A 315 -39.26 -8.06 1.87
C GLY A 315 -38.62 -6.90 2.60
N TYR A 316 -38.25 -7.12 3.85
CA TYR A 316 -37.61 -6.09 4.65
C TYR A 316 -36.12 -6.37 4.84
N ARG A 317 -35.32 -5.31 4.89
CA ARG A 317 -33.90 -5.42 5.15
C ARG A 317 -33.66 -6.08 6.50
N VAL A 318 -32.63 -6.92 6.57
CA VAL A 318 -32.39 -7.71 7.77
C VAL A 318 -30.91 -7.69 8.15
N THR A 319 -30.63 -7.85 9.44
CA THR A 319 -29.25 -7.90 9.91
C THR A 319 -28.72 -9.33 9.90
N SER A 320 -27.46 -9.49 10.31
CA SER A 320 -26.83 -10.80 10.33
C SER A 320 -27.44 -11.72 11.39
N THR A 321 -28.08 -11.12 12.39
CA THR A 321 -28.71 -11.87 13.47
C THR A 321 -30.03 -12.48 12.99
N GLY A 322 -30.71 -11.76 12.11
CA GLY A 322 -32.02 -12.17 11.63
C GLY A 322 -33.07 -11.15 12.03
N LYS A 323 -32.63 -10.12 12.74
CA LYS A 323 -33.51 -9.05 13.18
C LYS A 323 -33.78 -8.06 12.05
N PRO A 324 -35.05 -7.68 11.85
CA PRO A 324 -35.43 -6.70 10.83
C PRO A 324 -34.75 -5.35 11.05
N GLU A 325 -34.22 -4.78 9.97
CA GLU A 325 -33.56 -3.47 10.04
C GLU A 325 -34.39 -2.42 9.30
N PHE A 326 -34.70 -1.33 10.00
CA PHE A 326 -35.46 -0.25 9.40
C PHE A 326 -34.78 1.09 9.61
N THR A 327 -34.94 2.00 8.65
CA THR A 327 -34.25 3.29 8.67
C THR A 327 -34.54 4.10 9.93
N ASN A 328 -33.48 4.50 10.61
CA ASN A 328 -33.60 5.38 11.78
C ASN A 328 -33.55 6.84 11.36
N LEU A 329 -34.55 7.61 11.77
CA LEU A 329 -34.57 9.04 11.48
C LEU A 329 -33.66 9.77 12.45
N LYS A 330 -32.38 9.86 12.09
CA LYS A 330 -31.36 10.37 13.00
C LYS A 330 -31.59 11.81 13.42
N VAL A 331 -31.65 12.72 12.45
CA VAL A 331 -31.84 14.14 12.73
C VAL A 331 -33.11 14.42 13.51
N TYR A 332 -34.21 13.78 13.10
CA TYR A 332 -35.49 13.97 13.74
C TYR A 332 -35.39 13.67 15.23
N HIS A 333 -34.92 12.48 15.58
CA HIS A 333 -34.86 12.06 16.97
C HIS A 333 -33.78 12.78 17.76
N ASP A 334 -32.69 13.16 17.09
CA ASP A 334 -31.62 13.89 17.77
C ASP A 334 -32.08 15.27 18.23
N ILE A 335 -32.90 15.91 17.41
CA ILE A 335 -33.41 17.24 17.73
C ILE A 335 -34.64 17.15 18.63
N LYS A 336 -35.46 16.13 18.42
CA LYS A 336 -36.66 15.91 19.22
C LYS A 336 -36.34 15.63 20.67
N ASP A 337 -35.20 14.97 20.90
CA ASP A 337 -34.80 14.56 22.25
C ASP A 337 -34.45 15.76 23.13
N ILE A 338 -34.21 16.91 22.50
CA ILE A 338 -33.87 18.12 23.25
C ILE A 338 -34.86 19.25 22.97
N THR A 339 -35.59 19.14 21.86
CA THR A 339 -36.58 20.14 21.50
C THR A 339 -37.78 19.50 20.82
N ALA A 340 -38.94 19.61 21.44
CA ALA A 340 -40.15 19.00 20.92
C ALA A 340 -41.08 20.03 20.27
N ARG A 341 -40.57 21.25 20.09
CA ARG A 341 -41.35 22.32 19.48
C ARG A 341 -41.70 21.99 18.03
N LYS A 342 -42.94 22.25 17.65
CA LYS A 342 -43.40 21.97 16.29
C LYS A 342 -42.74 22.90 15.27
N GLU A 343 -42.32 24.07 15.74
CA GLU A 343 -41.67 25.05 14.88
C GLU A 343 -40.38 24.52 14.27
N ILE A 344 -39.70 23.64 15.01
CA ILE A 344 -38.43 23.09 14.58
C ILE A 344 -38.60 21.69 14.00
N ILE A 345 -39.23 20.81 14.77
CA ILE A 345 -39.42 19.41 14.41
C ILE A 345 -40.15 19.22 13.08
N GLU A 346 -41.19 20.00 12.84
CA GLU A 346 -41.98 19.84 11.64
C GLU A 346 -41.44 20.67 10.48
N ASN A 347 -40.23 21.18 10.64
CA ASN A 347 -39.57 21.94 9.58
C ASN A 347 -38.50 21.10 8.92
N ALA A 348 -38.88 20.40 7.84
CA ALA A 348 -37.98 19.49 7.14
C ALA A 348 -36.76 20.20 6.58
N GLU A 349 -36.96 21.39 6.04
CA GLU A 349 -35.88 22.17 5.45
C GLU A 349 -34.86 22.56 6.50
N LEU A 350 -35.34 22.91 7.70
CA LEU A 350 -34.46 23.29 8.80
C LEU A 350 -33.63 22.10 9.28
N LEU A 351 -34.28 20.94 9.39
CA LEU A 351 -33.60 19.73 9.83
C LEU A 351 -32.53 19.31 8.82
N ASP A 352 -32.76 19.64 7.56
CA ASP A 352 -31.78 19.39 6.51
C ASP A 352 -30.56 20.28 6.71
N GLN A 353 -30.81 21.56 7.00
CA GLN A 353 -29.74 22.54 7.17
C GLN A 353 -28.92 22.26 8.43
N ILE A 354 -29.58 21.80 9.48
CA ILE A 354 -28.88 21.45 10.72
C ILE A 354 -27.97 20.25 10.50
N ALA A 355 -28.48 19.28 9.74
CA ALA A 355 -27.71 18.07 9.41
C ALA A 355 -26.45 18.41 8.62
N LYS A 356 -26.59 19.31 7.65
CA LYS A 356 -25.46 19.71 6.82
C LYS A 356 -24.39 20.40 7.65
N ILE A 357 -24.81 21.31 8.51
CA ILE A 357 -23.88 22.05 9.37
C ILE A 357 -23.17 21.11 10.34
N LEU A 358 -23.91 20.20 10.94
CA LEU A 358 -23.36 19.24 11.89
C LEU A 358 -22.31 18.32 11.26
N THR A 359 -22.45 18.09 9.96
CA THR A 359 -21.57 17.15 9.26
C THR A 359 -20.35 17.84 8.66
N ILE A 360 -20.58 18.97 8.00
CA ILE A 360 -19.51 19.72 7.36
C ILE A 360 -18.50 20.26 8.37
N TYR A 361 -19.01 21.00 9.36
CA TYR A 361 -18.15 21.59 10.37
C TYR A 361 -17.81 20.57 11.45
N GLN A 362 -16.66 20.75 12.10
CA GLN A 362 -16.09 19.69 12.93
C GLN A 362 -15.92 20.05 14.41
N SER A 363 -16.33 21.25 14.79
CA SER A 363 -16.18 21.68 16.18
C SER A 363 -17.45 22.33 16.70
N SER A 364 -17.77 22.07 17.97
CA SER A 364 -18.98 22.60 18.60
C SER A 364 -19.11 24.11 18.44
N GLU A 365 -17.99 24.81 18.57
CA GLU A 365 -17.98 26.26 18.44
C GLU A 365 -18.36 26.70 17.04
N ASP A 366 -17.84 25.99 16.04
CA ASP A 366 -18.15 26.29 14.65
C ASP A 366 -19.59 25.94 14.31
N ILE A 367 -20.10 24.89 14.95
CA ILE A 367 -21.49 24.50 14.78
C ILE A 367 -22.42 25.58 15.31
N GLN A 368 -22.12 26.06 16.52
CA GLN A 368 -22.92 27.09 17.17
C GLN A 368 -23.02 28.34 16.31
N GLU A 369 -21.89 28.79 15.78
CA GLU A 369 -21.85 29.99 14.96
C GLU A 369 -22.64 29.82 13.68
N GLU A 370 -22.46 28.68 13.02
CA GLU A 370 -23.11 28.43 11.74
C GLU A 370 -24.61 28.23 11.90
N LEU A 371 -25.00 27.59 13.01
CA LEU A 371 -26.41 27.40 13.31
C LEU A 371 -27.09 28.72 13.65
N THR A 372 -26.34 29.61 14.27
CA THR A 372 -26.85 30.92 14.65
C THR A 372 -27.08 31.78 13.41
N ASN A 373 -26.22 31.61 12.41
CA ASN A 373 -26.34 32.36 11.16
C ASN A 373 -27.58 31.99 10.36
N LEU A 374 -28.16 30.85 10.69
CA LEU A 374 -29.36 30.37 10.00
C LEU A 374 -30.55 31.30 10.22
N ASN A 375 -30.54 32.02 11.34
CA ASN A 375 -31.63 32.91 11.71
C ASN A 375 -32.98 32.20 11.74
N SER A 376 -33.00 31.03 12.37
CA SER A 376 -34.23 30.25 12.49
C SER A 376 -34.91 30.53 13.83
N GLU A 377 -35.86 29.66 14.19
CA GLU A 377 -36.57 29.81 15.44
C GLU A 377 -35.88 29.03 16.56
N LEU A 378 -34.61 28.70 16.35
CA LEU A 378 -33.84 27.97 17.34
C LEU A 378 -33.42 28.86 18.50
N THR A 379 -33.51 28.33 19.72
CA THR A 379 -33.05 29.03 20.89
C THR A 379 -31.53 28.85 21.02
N GLN A 380 -30.86 29.82 21.64
CA GLN A 380 -29.41 29.75 21.80
C GLN A 380 -29.03 28.57 22.70
N GLU A 381 -29.92 28.22 23.63
CA GLU A 381 -29.71 27.07 24.49
C GLU A 381 -29.83 25.77 23.70
N GLU A 382 -30.70 25.79 22.69
CA GLU A 382 -30.89 24.64 21.81
C GLU A 382 -29.69 24.46 20.89
N ILE A 383 -29.25 25.56 20.28
CA ILE A 383 -28.12 25.55 19.36
C ILE A 383 -26.85 25.02 20.03
N GLU A 384 -26.59 25.47 21.25
CA GLU A 384 -25.42 25.01 22.00
C GLU A 384 -25.54 23.55 22.40
N GLN A 385 -26.76 23.02 22.32
CA GLN A 385 -27.01 21.63 22.68
C GLN A 385 -26.95 20.73 21.45
N ILE A 386 -27.40 21.25 20.31
CA ILE A 386 -27.32 20.55 19.04
C ILE A 386 -25.86 20.39 18.62
N SER A 387 -25.03 21.35 19.00
CA SER A 387 -23.63 21.37 18.60
C SER A 387 -22.80 20.25 19.23
N ASN A 388 -23.40 19.52 20.16
CA ASN A 388 -22.70 18.42 20.82
C ASN A 388 -23.18 17.05 20.34
N LEU A 389 -24.02 17.05 19.31
CA LEU A 389 -24.53 15.80 18.76
C LEU A 389 -23.43 15.00 18.08
N LYS A 390 -23.50 13.68 18.21
CA LYS A 390 -22.49 12.79 17.65
C LYS A 390 -23.00 12.07 16.40
N GLY A 391 -22.08 11.56 15.61
CA GLY A 391 -22.42 10.68 14.51
C GLY A 391 -22.69 11.33 13.17
N TYR A 392 -22.62 12.65 13.11
CA TYR A 392 -22.90 13.34 11.86
C TYR A 392 -21.67 13.38 10.98
N THR A 393 -21.47 12.28 10.25
CA THR A 393 -20.29 12.09 9.44
C THR A 393 -20.64 11.31 8.18
N GLY A 394 -20.01 11.65 7.06
CA GLY A 394 -20.22 10.93 5.82
C GLY A 394 -21.30 11.54 4.95
N THR A 395 -21.38 11.08 3.71
CA THR A 395 -22.33 11.61 2.75
C THR A 395 -23.32 10.55 2.29
N HIS A 396 -24.45 11.00 1.74
CA HIS A 396 -25.38 10.12 1.07
C HIS A 396 -24.92 9.95 -0.36
N ASN A 397 -25.26 8.84 -1.00
CA ASN A 397 -24.81 8.61 -2.37
C ASN A 397 -25.58 9.44 -3.40
N LEU A 398 -26.70 10.03 -2.95
CA LEU A 398 -27.49 10.89 -3.81
C LEU A 398 -27.47 12.33 -3.33
N SER A 399 -27.76 13.26 -4.23
CA SER A 399 -27.89 14.66 -3.89
C SER A 399 -29.29 14.92 -3.32
N LEU A 400 -29.46 16.07 -2.69
CA LEU A 400 -30.80 16.47 -2.22
C LEU A 400 -31.70 16.74 -3.42
N LYS A 401 -31.10 17.13 -4.53
CA LYS A 401 -31.86 17.39 -5.76
C LYS A 401 -32.49 16.10 -6.28
N ALA A 402 -31.75 15.01 -6.20
CA ALA A 402 -32.27 13.71 -6.62
C ALA A 402 -33.29 13.19 -5.63
N ILE A 403 -33.02 13.41 -4.34
CA ILE A 403 -33.91 12.93 -3.28
C ILE A 403 -35.25 13.68 -3.30
N ASN A 404 -35.19 15.02 -3.34
CA ASN A 404 -36.39 15.82 -3.35
C ASN A 404 -37.24 15.63 -4.60
N LEU A 405 -36.57 15.24 -5.69
CA LEU A 405 -37.26 15.06 -6.96
C LEU A 405 -38.24 13.89 -6.94
N ILE A 406 -37.81 12.77 -6.35
CA ILE A 406 -38.61 11.55 -6.35
C ILE A 406 -39.27 11.29 -4.99
N LEU A 407 -39.17 12.25 -4.08
CA LEU A 407 -39.69 12.06 -2.73
C LEU A 407 -41.21 11.95 -2.72
N ASP A 408 -41.87 12.74 -3.57
CA ASP A 408 -43.32 12.63 -3.71
C ASP A 408 -43.71 11.35 -4.41
N GLU A 409 -42.85 10.90 -5.32
CA GLU A 409 -43.06 9.64 -6.03
C GLU A 409 -43.05 8.46 -5.07
N LEU A 410 -42.17 8.52 -4.08
CA LEU A 410 -42.07 7.47 -3.07
C LEU A 410 -43.28 7.46 -2.16
N TRP A 411 -43.86 8.63 -1.92
CA TRP A 411 -45.03 8.76 -1.07
C TRP A 411 -46.28 8.15 -1.70
N HIS A 412 -46.55 8.51 -2.95
CA HIS A 412 -47.83 8.20 -3.58
C HIS A 412 -47.80 6.92 -4.42
N THR A 413 -46.61 6.46 -4.78
CA THR A 413 -46.48 5.21 -5.53
C THR A 413 -45.85 4.13 -4.66
N ASN A 414 -45.59 2.97 -5.25
CA ASN A 414 -44.95 1.88 -4.53
C ASN A 414 -43.61 1.51 -5.15
N ASP A 415 -43.20 2.27 -6.17
CA ASP A 415 -41.91 2.04 -6.81
C ASP A 415 -40.78 2.54 -5.94
N ASN A 416 -39.71 1.76 -5.85
CA ASN A 416 -38.52 2.21 -5.13
C ASN A 416 -37.72 3.18 -5.99
N GLN A 417 -36.58 3.63 -5.46
CA GLN A 417 -35.79 4.67 -6.12
C GLN A 417 -35.35 4.27 -7.53
N ILE A 418 -34.89 3.03 -7.69
CA ILE A 418 -34.37 2.59 -8.97
C ILE A 418 -35.47 2.46 -10.02
N ALA A 419 -36.66 2.06 -9.59
CA ALA A 419 -37.80 1.94 -10.50
C ALA A 419 -38.23 3.32 -11.00
N ILE A 420 -38.23 4.29 -10.08
CA ILE A 420 -38.62 5.66 -10.42
C ILE A 420 -37.58 6.32 -11.31
N PHE A 421 -36.31 6.15 -10.97
CA PHE A 421 -35.23 6.71 -11.77
C PHE A 421 -35.24 6.16 -13.20
N ASN A 422 -35.56 4.88 -13.33
CA ASN A 422 -35.68 4.25 -14.64
C ASN A 422 -36.87 4.81 -15.40
N ARG A 423 -37.98 5.02 -14.68
CA ARG A 423 -39.18 5.59 -15.28
C ARG A 423 -38.95 7.04 -15.70
N LEU A 424 -38.12 7.74 -14.93
CA LEU A 424 -37.82 9.14 -15.21
C LEU A 424 -36.66 9.26 -16.21
N LYS A 425 -36.25 8.12 -16.77
CA LYS A 425 -35.17 8.07 -17.75
C LYS A 425 -33.88 8.70 -17.23
N LEU A 426 -33.52 8.36 -16.00
CA LEU A 426 -32.28 8.86 -15.39
C LEU A 426 -31.23 7.76 -15.31
N VAL A 427 -30.27 7.82 -16.23
CA VAL A 427 -29.20 6.83 -16.28
C VAL A 427 -27.97 7.33 -15.54
N PRO A 428 -27.37 6.48 -14.69
CA PRO A 428 -26.15 6.79 -13.94
C PRO A 428 -25.03 7.31 -14.85
N LYS A 429 -24.19 8.19 -14.30
CA LYS A 429 -23.15 8.86 -15.08
C LYS A 429 -22.14 7.88 -15.66
N LYS A 430 -21.92 7.98 -16.98
CA LYS A 430 -20.94 7.15 -17.67
C LYS A 430 -20.06 8.02 -18.56
N VAL A 431 -18.86 7.52 -18.85
CA VAL A 431 -17.89 8.27 -19.66
C VAL A 431 -17.95 7.84 -21.12
N ASP A 432 -18.13 8.81 -22.01
CA ASP A 432 -18.17 8.53 -23.45
C ASP A 432 -16.76 8.35 -24.01
N LEU A 433 -16.63 7.45 -24.98
CA LEU A 433 -15.33 7.15 -25.56
C LEU A 433 -15.37 7.21 -27.09
N SER A 434 -16.29 8.01 -27.61
CA SER A 434 -16.47 8.12 -29.06
C SER A 434 -15.44 9.04 -29.70
N GLN A 435 -15.13 10.14 -29.01
CA GLN A 435 -14.18 11.12 -29.52
C GLN A 435 -12.74 10.67 -29.30
N GLN A 436 -12.57 9.54 -28.63
CA GLN A 436 -11.24 9.01 -28.34
C GLN A 436 -10.67 8.24 -29.53
N LYS A 437 -9.48 8.63 -29.96
CA LYS A 437 -8.82 7.98 -31.09
C LYS A 437 -8.05 6.75 -30.62
N GLU A 438 -7.80 6.67 -29.32
CA GLU A 438 -7.11 5.53 -28.72
C GLU A 438 -7.61 5.29 -27.30
N ILE A 439 -7.28 4.14 -26.74
CA ILE A 439 -7.71 3.80 -25.38
C ILE A 439 -7.08 4.75 -24.37
N PRO A 440 -7.91 5.52 -23.66
CA PRO A 440 -7.45 6.53 -22.70
C PRO A 440 -6.77 5.92 -21.48
N THR A 441 -5.90 6.70 -20.83
CA THR A 441 -5.19 6.25 -19.64
C THR A 441 -5.50 7.13 -18.45
N THR A 442 -6.38 8.11 -18.66
CA THR A 442 -6.74 9.05 -17.60
C THR A 442 -7.78 8.44 -16.67
N LEU A 443 -8.61 7.56 -17.22
CA LEU A 443 -9.70 6.95 -16.46
C LEU A 443 -9.22 5.90 -15.46
N VAL A 444 -7.95 5.50 -15.59
CA VAL A 444 -7.40 4.41 -14.80
C VAL A 444 -7.46 4.66 -13.29
N ASP A 445 -7.00 5.84 -12.88
CA ASP A 445 -6.90 6.17 -11.46
C ASP A 445 -8.27 6.25 -10.79
N ASP A 446 -9.32 6.43 -11.59
CA ASP A 446 -10.67 6.54 -11.06
C ASP A 446 -11.15 5.23 -10.43
N PHE A 447 -10.98 4.13 -11.17
CA PHE A 447 -11.46 2.83 -10.68
C PHE A 447 -10.34 1.98 -10.09
N ILE A 448 -9.29 2.62 -9.58
CA ILE A 448 -8.18 1.87 -9.02
C ILE A 448 -8.03 2.12 -7.53
N LEU A 449 -7.40 1.18 -6.84
CA LEU A 449 -7.18 1.30 -5.39
C LEU A 449 -5.69 1.34 -5.06
N SER A 450 -4.92 0.53 -5.78
CA SER A 450 -3.48 0.41 -5.53
C SER A 450 -2.65 1.22 -6.54
N PRO A 451 -1.63 1.92 -6.06
CA PRO A 451 -0.71 2.67 -6.92
C PRO A 451 0.07 1.74 -7.84
N VAL A 452 0.36 0.54 -7.34
CA VAL A 452 1.07 -0.47 -8.10
C VAL A 452 0.26 -0.89 -9.33
N VAL A 453 -1.01 -1.22 -9.10
CA VAL A 453 -1.90 -1.65 -10.17
C VAL A 453 -2.10 -0.54 -11.19
N LYS A 454 -2.24 0.70 -10.71
CA LYS A 454 -2.47 1.85 -11.57
C LYS A 454 -1.40 1.98 -12.66
N ARG A 455 -0.14 1.95 -12.26
CA ARG A 455 0.97 2.03 -13.21
C ARG A 455 0.95 0.84 -14.18
N SER A 456 0.74 -0.36 -13.65
CA SER A 456 0.71 -1.56 -14.45
C SER A 456 -0.43 -1.52 -15.47
N PHE A 457 -1.54 -0.88 -15.10
CA PHE A 457 -2.67 -0.74 -16.02
C PHE A 457 -2.37 0.29 -17.10
N ILE A 458 -1.84 1.45 -16.69
CA ILE A 458 -1.50 2.51 -17.64
C ILE A 458 -0.51 1.99 -18.68
N GLN A 459 0.51 1.28 -18.23
CA GLN A 459 1.50 0.70 -19.13
C GLN A 459 0.85 -0.34 -20.05
N SER A 460 -0.03 -1.14 -19.49
CA SER A 460 -0.73 -2.18 -20.24
C SER A 460 -1.55 -1.60 -21.38
N ILE A 461 -2.22 -0.49 -21.10
CA ILE A 461 -3.02 0.20 -22.09
C ILE A 461 -2.13 0.74 -23.22
N LYS A 462 -1.04 1.39 -22.83
CA LYS A 462 -0.10 1.94 -23.80
C LYS A 462 0.52 0.86 -24.68
N VAL A 463 0.73 -0.32 -24.10
CA VAL A 463 1.22 -1.46 -24.85
C VAL A 463 0.20 -1.88 -25.91
N ILE A 464 -1.06 -1.96 -25.50
CA ILE A 464 -2.15 -2.32 -26.41
C ILE A 464 -2.28 -1.33 -27.57
N ASN A 465 -2.26 -0.04 -27.23
CA ASN A 465 -2.38 1.01 -28.23
C ASN A 465 -1.27 0.95 -29.27
N ALA A 466 -0.07 0.60 -28.82
CA ALA A 466 1.07 0.48 -29.72
C ALA A 466 0.96 -0.76 -30.59
N ILE A 467 0.41 -1.83 -30.02
CA ILE A 467 0.24 -3.09 -30.73
C ILE A 467 -0.79 -2.97 -31.84
N ILE A 468 -1.94 -2.35 -31.54
CA ILE A 468 -2.99 -2.19 -32.53
C ILE A 468 -2.61 -1.18 -33.61
N LYS A 469 -1.60 -0.37 -33.33
CA LYS A 469 -1.11 0.62 -34.30
C LYS A 469 -0.12 -0.02 -35.26
N LYS A 470 0.64 -0.99 -34.77
CA LYS A 470 1.68 -1.63 -35.56
C LYS A 470 1.19 -2.92 -36.23
N TYR A 471 0.22 -3.57 -35.60
CA TYR A 471 -0.25 -4.87 -36.09
C TYR A 471 -1.71 -4.85 -36.51
N GLY A 472 -2.43 -3.81 -36.11
CA GLY A 472 -3.85 -3.71 -36.43
C GLY A 472 -4.70 -4.27 -35.30
N LEU A 473 -6.02 -4.21 -35.48
CA LEU A 473 -6.95 -4.70 -34.47
C LEU A 473 -6.98 -6.23 -34.43
N PRO A 474 -6.84 -6.80 -33.22
CA PRO A 474 -7.00 -8.24 -33.01
C PRO A 474 -8.45 -8.61 -32.76
N ASN A 475 -8.82 -9.85 -33.04
CA ASN A 475 -10.17 -10.31 -32.73
C ASN A 475 -10.29 -10.70 -31.27
N ASP A 476 -9.21 -11.24 -30.70
CA ASP A 476 -9.22 -11.70 -29.31
C ASP A 476 -8.12 -11.06 -28.48
N ILE A 477 -8.49 -10.59 -27.28
CA ILE A 477 -7.53 -10.12 -26.30
C ILE A 477 -7.76 -10.80 -24.96
N ILE A 478 -6.80 -11.62 -24.54
CA ILE A 478 -6.91 -12.33 -23.28
C ILE A 478 -5.86 -11.85 -22.29
N ILE A 479 -6.29 -11.55 -21.07
CA ILE A 479 -5.44 -10.89 -20.09
C ILE A 479 -5.35 -11.65 -18.76
N GLU A 480 -4.15 -11.71 -18.21
CA GLU A 480 -3.94 -12.25 -16.87
C GLU A 480 -3.24 -11.23 -15.98
N LEU A 481 -3.69 -11.14 -14.72
CA LEU A 481 -3.10 -10.22 -13.76
C LEU A 481 -2.41 -10.99 -12.64
N ALA A 482 -1.45 -10.34 -11.99
CA ALA A 482 -0.70 -10.97 -10.91
C ALA A 482 -1.59 -11.24 -9.70
N ARG A 483 -1.29 -12.30 -8.97
CA ARG A 483 -2.02 -12.63 -7.76
C ARG A 483 -1.59 -11.73 -6.62
N GLU A 484 -0.34 -11.26 -6.69
CA GLU A 484 0.22 -10.39 -5.66
C GLU A 484 -0.16 -8.94 -5.93
N LYS A 485 -0.32 -8.16 -4.87
CA LYS A 485 -0.70 -6.75 -5.01
C LYS A 485 0.57 -5.90 -5.09
N ASN A 486 1.64 -6.40 -4.49
CA ASN A 486 2.94 -5.74 -4.51
C ASN A 486 4.06 -6.75 -4.32
N SER A 487 5.30 -6.29 -4.40
CA SER A 487 6.45 -7.19 -4.31
C SER A 487 6.65 -7.73 -2.91
N LYS A 488 6.25 -6.94 -1.91
CA LYS A 488 6.32 -7.40 -0.52
C LYS A 488 5.38 -8.57 -0.29
N ASP A 489 4.18 -8.47 -0.86
CA ASP A 489 3.20 -9.54 -0.79
C ASP A 489 3.66 -10.74 -1.60
N ALA A 490 4.36 -10.45 -2.71
CA ALA A 490 4.88 -11.51 -3.57
C ALA A 490 5.92 -12.36 -2.87
N GLN A 491 6.85 -11.70 -2.18
CA GLN A 491 7.90 -12.40 -1.45
C GLN A 491 7.31 -13.23 -0.32
N LYS A 492 6.25 -12.71 0.30
CA LYS A 492 5.56 -13.42 1.36
C LYS A 492 4.97 -14.73 0.84
N MET A 493 4.40 -14.69 -0.36
CA MET A 493 3.86 -15.88 -1.01
C MET A 493 4.97 -16.87 -1.32
N ILE A 494 6.10 -16.36 -1.80
CA ILE A 494 7.26 -17.19 -2.11
C ILE A 494 7.78 -17.90 -0.86
N ASN A 495 7.89 -17.16 0.23
CA ASN A 495 8.35 -17.72 1.49
C ASN A 495 7.45 -18.85 1.98
N GLU A 496 6.15 -18.61 1.91
CA GLU A 496 5.17 -19.63 2.31
C GLU A 496 5.26 -20.86 1.41
N MET A 497 5.51 -20.61 0.12
CA MET A 497 5.69 -21.69 -0.83
C MET A 497 6.91 -22.53 -0.47
N GLN A 498 8.04 -21.87 -0.23
CA GLN A 498 9.28 -22.55 0.10
C GLN A 498 9.18 -23.31 1.40
N LYS A 499 8.49 -22.74 2.37
CA LYS A 499 8.32 -23.36 3.68
C LYS A 499 7.56 -24.68 3.57
N ARG A 500 6.47 -24.66 2.80
CA ARG A 500 5.68 -25.87 2.59
C ARG A 500 6.48 -26.91 1.82
N ASN A 501 7.34 -26.43 0.93
CA ASN A 501 8.19 -27.33 0.15
C ASN A 501 9.20 -28.06 1.03
N ARG A 502 9.75 -27.38 2.02
CA ARG A 502 10.70 -28.00 2.93
C ARG A 502 10.00 -29.04 3.80
N GLN A 503 8.80 -28.71 4.25
CA GLN A 503 8.03 -29.62 5.10
C GLN A 503 7.70 -30.92 4.36
N THR A 504 7.27 -30.80 3.11
CA THR A 504 6.92 -31.97 2.32
C THR A 504 8.17 -32.78 1.97
N ASN A 505 9.26 -32.08 1.64
CA ASN A 505 10.51 -32.75 1.33
C ASN A 505 11.08 -33.48 2.53
N GLU A 506 10.90 -32.91 3.72
CA GLU A 506 11.33 -33.56 4.95
C GLU A 506 10.43 -34.76 5.24
N ARG A 507 9.16 -34.66 4.85
CA ARG A 507 8.21 -35.75 5.03
C ARG A 507 8.59 -36.95 4.17
N ILE A 508 9.02 -36.67 2.94
CA ILE A 508 9.44 -37.73 2.02
C ILE A 508 10.71 -38.41 2.52
N GLU A 509 11.67 -37.62 2.99
CA GLU A 509 12.91 -38.14 3.54
C GLU A 509 12.63 -38.98 4.78
N GLU A 510 11.59 -38.62 5.52
CA GLU A 510 11.16 -39.36 6.69
C GLU A 510 10.70 -40.76 6.31
N ILE A 511 10.02 -40.87 5.17
CA ILE A 511 9.47 -42.14 4.70
C ILE A 511 10.55 -43.05 4.13
N ILE A 512 11.44 -42.49 3.31
CA ILE A 512 12.50 -43.27 2.68
C ILE A 512 13.55 -43.74 3.70
N ARG A 513 13.53 -43.14 4.88
CA ARG A 513 14.46 -43.54 5.94
C ARG A 513 13.79 -44.53 6.89
N THR A 514 12.46 -44.51 6.93
CA THR A 514 11.71 -45.40 7.82
C THR A 514 11.37 -46.72 7.13
N THR A 515 10.77 -46.63 5.95
CA THR A 515 10.36 -47.82 5.20
C THR A 515 11.47 -48.32 4.29
N GLY A 516 12.29 -47.38 3.81
CA GLY A 516 13.36 -47.71 2.88
C GLY A 516 12.88 -47.66 1.44
N LYS A 517 11.58 -47.49 1.26
CA LYS A 517 10.98 -47.40 -0.07
C LYS A 517 11.34 -46.07 -0.73
N GLU A 518 12.15 -46.15 -1.79
CA GLU A 518 12.59 -44.96 -2.50
C GLU A 518 11.51 -44.47 -3.48
N ASN A 519 10.38 -45.18 -3.49
CA ASN A 519 9.26 -44.83 -4.36
C ASN A 519 8.56 -43.55 -3.92
N ALA A 520 8.82 -43.14 -2.68
CA ALA A 520 8.12 -42.02 -2.08
C ALA A 520 8.35 -40.71 -2.82
N LYS A 521 9.51 -40.58 -3.46
CA LYS A 521 9.85 -39.34 -4.15
C LYS A 521 9.14 -39.23 -5.50
N TYR A 522 8.38 -40.26 -5.86
CA TYR A 522 7.58 -40.24 -7.07
C TYR A 522 6.09 -40.20 -6.74
N LEU A 523 5.77 -40.17 -5.44
CA LEU A 523 4.40 -40.24 -4.99
C LEU A 523 4.06 -39.08 -4.04
N ILE A 524 4.75 -37.96 -4.22
CA ILE A 524 4.60 -36.82 -3.32
C ILE A 524 3.16 -36.34 -3.22
N GLU A 525 2.50 -36.16 -4.36
CA GLU A 525 1.13 -35.66 -4.40
C GLU A 525 0.17 -36.62 -3.70
N LYS A 526 0.34 -37.91 -3.93
CA LYS A 526 -0.52 -38.92 -3.31
C LYS A 526 -0.23 -39.04 -1.82
N ILE A 527 1.04 -38.87 -1.44
CA ILE A 527 1.42 -38.91 -0.03
C ILE A 527 0.88 -37.67 0.69
N LYS A 528 0.97 -36.53 0.03
CA LYS A 528 0.46 -35.27 0.58
C LYS A 528 -1.05 -35.34 0.79
N LEU A 529 -1.75 -36.01 -0.14
CA LEU A 529 -3.18 -36.23 -0.01
C LEU A 529 -3.47 -37.23 1.10
N HIS A 530 -2.63 -38.26 1.18
CA HIS A 530 -2.79 -39.33 2.16
C HIS A 530 -2.76 -38.80 3.59
N ASP A 531 -1.77 -37.95 3.88
CA ASP A 531 -1.63 -37.38 5.21
C ASP A 531 -2.74 -36.36 5.49
N MET A 532 -3.19 -35.69 4.44
CA MET A 532 -4.22 -34.66 4.56
C MET A 532 -5.59 -35.28 4.77
N GLN A 533 -5.72 -36.56 4.43
CA GLN A 533 -6.99 -37.27 4.57
C GLN A 533 -6.91 -38.32 5.67
N GLU A 534 -5.86 -38.23 6.49
CA GLU A 534 -5.66 -39.15 7.61
C GLU A 534 -5.63 -40.62 7.18
N GLY A 535 -5.08 -40.86 5.99
CA GLY A 535 -4.93 -42.22 5.49
C GLY A 535 -6.22 -42.94 5.18
N LYS A 536 -7.24 -42.18 4.79
CA LYS A 536 -8.54 -42.76 4.48
C LYS A 536 -9.06 -42.32 3.11
N CYS A 537 -9.56 -43.29 2.34
CA CYS A 537 -10.26 -43.00 1.10
C CYS A 537 -11.56 -42.27 1.41
N LEU A 538 -11.65 -41.01 1.00
CA LEU A 538 -12.77 -40.16 1.38
C LEU A 538 -14.12 -40.62 0.81
N TYR A 539 -14.09 -41.49 -0.20
CA TYR A 539 -15.33 -41.92 -0.84
C TYR A 539 -15.87 -43.22 -0.25
N SER A 540 -14.99 -44.02 0.33
CA SER A 540 -15.40 -45.28 0.93
C SER A 540 -15.15 -45.28 2.44
N LEU A 541 -14.45 -44.25 2.91
CA LEU A 541 -14.07 -44.09 4.31
C LEU A 541 -13.25 -45.28 4.82
N GLU A 542 -12.68 -46.04 3.88
CA GLU A 542 -11.86 -47.19 4.24
C GLU A 542 -10.39 -46.77 4.33
N ALA A 543 -9.65 -47.44 5.20
CA ALA A 543 -8.26 -47.08 5.46
C ALA A 543 -7.36 -47.35 4.25
N ILE A 544 -6.45 -46.42 3.99
CA ILE A 544 -5.45 -46.58 2.95
C ILE A 544 -4.07 -46.77 3.58
N PRO A 545 -3.64 -48.04 3.69
CA PRO A 545 -2.32 -48.36 4.25
C PRO A 545 -1.20 -47.69 3.46
N LEU A 546 -0.36 -46.91 4.15
CA LEU A 546 0.73 -46.20 3.52
C LEU A 546 1.68 -47.17 2.81
N GLU A 547 1.91 -48.32 3.44
CA GLU A 547 2.77 -49.35 2.86
C GLU A 547 2.20 -49.85 1.54
N ASP A 548 0.89 -50.03 1.50
CA ASP A 548 0.21 -50.49 0.30
C ASP A 548 0.20 -49.39 -0.76
N LEU A 549 0.14 -48.14 -0.31
CA LEU A 549 0.20 -47.00 -1.21
C LEU A 549 1.58 -46.87 -1.83
N LEU A 550 2.61 -47.15 -1.04
CA LEU A 550 3.98 -47.09 -1.52
C LEU A 550 4.29 -48.23 -2.48
N ASN A 551 3.82 -49.43 -2.15
CA ASN A 551 4.08 -50.60 -2.99
C ASN A 551 3.19 -50.63 -4.23
N ASN A 552 1.92 -50.28 -4.06
CA ASN A 552 0.98 -50.31 -5.17
C ASN A 552 0.19 -49.01 -5.30
N PRO A 553 0.85 -47.95 -5.79
CA PRO A 553 0.20 -46.64 -5.92
C PRO A 553 -0.85 -46.60 -7.02
N PHE A 554 -0.81 -47.56 -7.92
CA PHE A 554 -1.74 -47.60 -9.05
C PHE A 554 -3.12 -48.09 -8.62
N ASN A 555 -3.22 -48.58 -7.39
CA ASN A 555 -4.50 -49.00 -6.83
C ASN A 555 -5.24 -47.84 -6.19
N TYR A 556 -4.58 -46.70 -6.09
CA TYR A 556 -5.18 -45.51 -5.51
C TYR A 556 -5.07 -44.34 -6.47
N GLU A 557 -6.21 -43.79 -6.85
CA GLU A 557 -6.26 -42.78 -7.90
C GLU A 557 -6.53 -41.38 -7.34
N VAL A 558 -5.84 -40.39 -7.88
CA VAL A 558 -6.10 -39.00 -7.54
C VAL A 558 -7.30 -38.51 -8.32
N ASP A 559 -8.43 -38.37 -7.64
CA ASP A 559 -9.66 -37.97 -8.29
C ASP A 559 -9.95 -36.49 -8.10
N HIS A 560 -10.56 -35.88 -9.11
CA HIS A 560 -10.99 -34.49 -9.00
C HIS A 560 -12.39 -34.42 -8.40
N ILE A 561 -12.51 -33.74 -7.26
CA ILE A 561 -13.76 -33.62 -6.52
C ILE A 561 -14.89 -33.10 -7.39
N ILE A 562 -14.78 -31.85 -7.81
CA ILE A 562 -15.68 -31.30 -8.81
C ILE A 562 -15.05 -31.50 -10.18
N PRO A 563 -15.77 -32.16 -11.09
CA PRO A 563 -15.30 -32.43 -12.46
C PRO A 563 -14.75 -31.18 -13.13
N ARG A 564 -13.55 -31.29 -13.68
CA ARG A 564 -12.87 -30.14 -14.27
C ARG A 564 -13.56 -29.65 -15.53
N SER A 565 -14.47 -30.47 -16.06
CA SER A 565 -15.25 -30.09 -17.23
C SER A 565 -16.11 -28.86 -16.96
N VAL A 566 -16.43 -28.61 -15.70
CA VAL A 566 -17.20 -27.44 -15.32
C VAL A 566 -16.47 -26.56 -14.30
N SER A 567 -15.59 -27.17 -13.51
CA SER A 567 -14.92 -26.45 -12.42
C SER A 567 -13.64 -25.76 -12.91
N PHE A 568 -12.96 -26.38 -13.87
CA PHE A 568 -11.69 -25.88 -14.40
C PHE A 568 -10.65 -25.66 -13.29
N ASP A 569 -10.79 -26.43 -12.21
CA ASP A 569 -9.86 -26.34 -11.09
C ASP A 569 -8.88 -27.50 -11.13
N ASN A 570 -7.60 -27.19 -11.24
CA ASN A 570 -6.56 -28.21 -11.32
C ASN A 570 -5.68 -28.21 -10.08
N SER A 571 -6.02 -27.36 -9.12
CA SER A 571 -5.21 -27.19 -7.92
C SER A 571 -5.36 -28.35 -6.95
N PHE A 572 -4.60 -28.29 -5.86
CA PHE A 572 -4.63 -29.30 -4.81
C PHE A 572 -5.98 -29.34 -4.12
N ASN A 573 -6.69 -28.21 -4.15
CA ASN A 573 -7.99 -28.08 -3.50
C ASN A 573 -9.09 -28.91 -4.15
N ASN A 574 -8.88 -29.28 -5.41
CA ASN A 574 -9.88 -30.05 -6.14
C ASN A 574 -9.41 -31.48 -6.37
N LYS A 575 -8.55 -31.96 -5.48
CA LYS A 575 -7.99 -33.31 -5.63
C LYS A 575 -8.13 -34.13 -4.35
N VAL A 576 -8.45 -35.41 -4.50
CA VAL A 576 -8.55 -36.33 -3.38
C VAL A 576 -7.99 -37.70 -3.72
N LEU A 577 -7.28 -38.30 -2.77
CA LEU A 577 -6.75 -39.65 -2.97
C LEU A 577 -7.79 -40.68 -2.57
N VAL A 578 -8.32 -41.40 -3.56
CA VAL A 578 -9.32 -42.43 -3.30
C VAL A 578 -8.91 -43.75 -3.95
N LYS A 579 -9.63 -44.81 -3.61
CA LYS A 579 -9.39 -46.11 -4.22
C LYS A 579 -9.83 -46.08 -5.68
N GLN A 580 -9.15 -46.85 -6.52
CA GLN A 580 -9.44 -46.85 -7.95
C GLN A 580 -10.88 -47.22 -8.27
N GLU A 581 -11.49 -48.04 -7.42
CA GLU A 581 -12.87 -48.47 -7.61
C GLU A 581 -13.83 -47.31 -7.40
N GLU A 582 -13.57 -46.50 -6.37
CA GLU A 582 -14.40 -45.35 -6.05
C GLU A 582 -14.30 -44.27 -7.13
N ALA A 583 -13.11 -44.14 -7.71
CA ALA A 583 -12.88 -43.15 -8.75
C ALA A 583 -13.53 -43.57 -10.07
N SER A 584 -13.66 -44.88 -10.26
CA SER A 584 -14.27 -45.42 -11.46
C SER A 584 -15.79 -45.34 -11.42
N LYS A 585 -16.37 -45.74 -10.29
CA LYS A 585 -17.83 -45.74 -10.13
C LYS A 585 -18.39 -44.32 -10.11
N LYS A 586 -17.60 -43.38 -9.60
CA LYS A 586 -18.04 -42.01 -9.45
C LYS A 586 -18.30 -41.33 -10.79
N GLY A 587 -17.36 -41.48 -11.72
CA GLY A 587 -17.50 -40.89 -13.04
C GLY A 587 -17.50 -39.37 -12.98
N ASN A 588 -18.25 -38.75 -13.90
CA ASN A 588 -18.29 -37.30 -13.98
C ASN A 588 -19.39 -36.69 -13.11
N ARG A 589 -19.29 -36.92 -11.80
CA ARG A 589 -20.27 -36.41 -10.85
C ARG A 589 -19.59 -35.79 -9.65
N THR A 590 -20.36 -35.11 -8.81
CA THR A 590 -19.86 -34.63 -7.53
C THR A 590 -19.94 -35.77 -6.52
N PRO A 591 -19.19 -35.67 -5.42
CA PRO A 591 -19.35 -36.64 -4.34
C PRO A 591 -20.79 -36.76 -3.87
N PHE A 592 -21.50 -35.64 -3.84
CA PHE A 592 -22.91 -35.63 -3.44
C PHE A 592 -23.77 -36.43 -4.43
N GLN A 593 -23.57 -36.19 -5.72
CA GLN A 593 -24.33 -36.87 -6.76
C GLN A 593 -24.01 -38.36 -6.81
N TYR A 594 -22.79 -38.71 -6.44
CA TYR A 594 -22.34 -40.10 -6.49
C TYR A 594 -22.75 -40.88 -5.24
N LEU A 595 -22.58 -40.28 -4.08
CA LEU A 595 -22.88 -40.97 -2.82
C LEU A 595 -24.38 -41.03 -2.55
N SER A 596 -25.15 -40.26 -3.30
CA SER A 596 -26.60 -40.31 -3.21
C SER A 596 -27.13 -41.47 -4.04
N SER A 597 -26.34 -41.90 -5.02
CA SER A 597 -26.73 -42.99 -5.90
C SER A 597 -26.49 -44.35 -5.23
N SER A 598 -26.86 -45.41 -5.93
CA SER A 598 -26.71 -46.77 -5.43
C SER A 598 -25.33 -47.33 -5.78
N ASP A 599 -24.58 -46.58 -6.59
CA ASP A 599 -23.26 -47.01 -7.02
C ASP A 599 -22.25 -46.93 -5.88
N SER A 600 -22.65 -46.29 -4.79
CA SER A 600 -21.74 -46.01 -3.69
C SER A 600 -21.79 -47.07 -2.60
N LYS A 601 -20.80 -47.02 -1.71
CA LYS A 601 -20.68 -47.98 -0.63
C LYS A 601 -21.17 -47.37 0.69
N ILE A 602 -21.14 -46.03 0.75
CA ILE A 602 -21.59 -45.32 1.93
C ILE A 602 -22.66 -44.29 1.58
N SER A 603 -23.28 -43.72 2.61
CA SER A 603 -24.27 -42.66 2.42
C SER A 603 -23.59 -41.29 2.46
N TYR A 604 -24.24 -40.30 1.86
CA TYR A 604 -23.68 -38.95 1.81
C TYR A 604 -23.60 -38.33 3.21
N GLU A 605 -24.55 -38.68 4.06
CA GLU A 605 -24.58 -38.16 5.43
C GLU A 605 -23.37 -38.64 6.24
N THR A 606 -23.04 -39.93 6.08
CA THR A 606 -21.87 -40.49 6.74
C THR A 606 -20.62 -39.82 6.20
N PHE A 607 -20.65 -39.49 4.92
CA PHE A 607 -19.55 -38.79 4.25
C PHE A 607 -19.45 -37.35 4.74
N LYS A 608 -20.59 -36.69 4.86
CA LYS A 608 -20.63 -35.29 5.26
C LYS A 608 -20.10 -35.10 6.68
N LYS A 609 -20.42 -36.05 7.55
CA LYS A 609 -19.95 -36.02 8.93
C LYS A 609 -18.43 -36.10 9.00
N HIS A 610 -17.85 -37.03 8.24
CA HIS A 610 -16.42 -37.25 8.26
C HIS A 610 -15.67 -36.03 7.74
N ILE A 611 -16.20 -35.41 6.69
CA ILE A 611 -15.58 -34.24 6.08
C ILE A 611 -15.58 -33.03 7.01
N LEU A 612 -16.72 -32.78 7.65
CA LEU A 612 -16.86 -31.63 8.54
C LEU A 612 -15.93 -31.71 9.74
N ASN A 613 -15.75 -32.92 10.27
CA ASN A 613 -14.82 -33.13 11.37
C ASN A 613 -13.37 -33.08 10.90
N LEU A 614 -13.18 -33.36 9.60
CA LEU A 614 -11.86 -33.30 9.00
C LEU A 614 -11.52 -31.86 8.62
N ALA A 615 -12.55 -31.02 8.52
CA ALA A 615 -12.38 -29.63 8.14
C ALA A 615 -12.22 -28.74 9.37
N LYS A 616 -12.27 -29.35 10.55
CA LYS A 616 -12.08 -28.62 11.79
C LYS A 616 -10.82 -29.09 12.51
N GLY A 617 -10.24 -28.20 13.31
CA GLY A 617 -9.04 -28.52 14.06
C GLY A 617 -7.78 -28.10 13.33
N LYS A 618 -6.63 -28.37 13.94
CA LYS A 618 -5.34 -28.03 13.35
C LYS A 618 -4.96 -29.05 12.28
N GLY A 619 -4.29 -28.57 11.22
CA GLY A 619 -3.92 -29.42 10.11
C GLY A 619 -5.15 -29.89 9.35
N ARG A 620 -6.19 -29.09 9.41
CA ARG A 620 -7.47 -29.44 8.80
C ARG A 620 -7.41 -29.48 7.28
N ILE A 621 -8.48 -29.95 6.67
CA ILE A 621 -8.60 -29.93 5.22
C ILE A 621 -8.80 -28.47 4.78
N SER A 622 -8.63 -28.20 3.49
CA SER A 622 -8.79 -26.85 2.98
C SER A 622 -10.24 -26.40 3.05
N LYS A 623 -10.45 -25.10 3.21
CA LYS A 623 -11.79 -24.54 3.25
C LYS A 623 -12.44 -24.64 1.87
N THR A 624 -11.62 -24.50 0.83
CA THR A 624 -12.10 -24.67 -0.53
C THR A 624 -12.41 -26.14 -0.79
N LYS A 625 -11.63 -27.03 -0.19
CA LYS A 625 -11.89 -28.46 -0.29
C LYS A 625 -13.24 -28.83 0.31
N LYS A 626 -13.56 -28.19 1.43
CA LYS A 626 -14.84 -28.44 2.09
C LYS A 626 -16.01 -28.06 1.20
N GLU A 627 -15.91 -26.90 0.57
CA GLU A 627 -16.96 -26.39 -0.30
C GLU A 627 -17.07 -27.20 -1.59
N TYR A 628 -16.02 -27.94 -1.90
CA TYR A 628 -16.04 -28.82 -3.07
C TYR A 628 -16.64 -30.18 -2.72
N LEU A 629 -16.17 -30.77 -1.63
CA LEU A 629 -16.61 -32.09 -1.21
C LEU A 629 -18.08 -32.10 -0.80
N LEU A 630 -18.58 -30.95 -0.39
CA LEU A 630 -19.96 -30.85 0.08
C LEU A 630 -20.82 -30.03 -0.88
N GLU A 631 -20.40 -29.95 -2.14
CA GLU A 631 -21.17 -29.26 -3.16
C GLU A 631 -22.46 -30.04 -3.44
N GLU A 632 -23.59 -29.40 -3.20
CA GLU A 632 -24.87 -30.09 -3.32
C GLU A 632 -25.73 -29.52 -4.44
N ARG A 633 -25.18 -28.59 -5.21
CA ARG A 633 -25.88 -28.05 -6.37
C ARG A 633 -25.72 -28.98 -7.57
N ASP A 634 -26.53 -28.73 -8.59
CA ASP A 634 -26.53 -29.57 -9.79
C ASP A 634 -25.52 -29.04 -10.81
N ILE A 635 -24.60 -29.90 -11.22
CA ILE A 635 -23.55 -29.53 -12.16
C ILE A 635 -24.08 -29.07 -13.50
N ASN A 636 -25.03 -29.83 -14.05
CA ASN A 636 -25.54 -29.59 -15.39
C ASN A 636 -26.28 -28.26 -15.55
N ARG A 637 -26.59 -27.62 -14.43
CA ARG A 637 -27.23 -26.31 -14.46
C ARG A 637 -26.26 -25.24 -14.95
N PHE A 638 -26.70 -24.46 -15.93
CA PHE A 638 -25.86 -23.44 -16.54
C PHE A 638 -25.44 -22.36 -15.55
N SER A 639 -26.36 -22.01 -14.64
CA SER A 639 -26.08 -21.01 -13.63
C SER A 639 -24.96 -21.46 -12.70
N VAL A 640 -24.96 -22.74 -12.36
CA VAL A 640 -23.92 -23.31 -11.50
C VAL A 640 -22.58 -23.35 -12.22
N GLN A 641 -22.61 -23.73 -13.50
CA GLN A 641 -21.41 -23.75 -14.32
C GLN A 641 -20.81 -22.36 -14.47
N LYS A 642 -21.68 -21.35 -14.54
CA LYS A 642 -21.25 -19.96 -14.67
C LYS A 642 -20.44 -19.53 -13.45
N ASP A 643 -20.87 -19.95 -12.26
CA ASP A 643 -20.21 -19.59 -11.02
C ASP A 643 -18.81 -20.20 -10.93
N PHE A 644 -18.68 -21.42 -11.41
CA PHE A 644 -17.38 -22.11 -11.37
C PHE A 644 -16.38 -21.46 -12.33
N ILE A 645 -16.87 -21.08 -13.51
CA ILE A 645 -16.03 -20.39 -14.49
C ILE A 645 -15.61 -19.02 -13.95
N ASN A 646 -16.53 -18.34 -13.27
CA ASN A 646 -16.26 -17.03 -12.71
C ASN A 646 -15.28 -17.06 -11.54
N ARG A 647 -15.06 -18.24 -10.98
CA ARG A 647 -14.16 -18.36 -9.84
C ARG A 647 -12.79 -18.93 -10.23
N ASN A 648 -12.79 -20.00 -11.00
CA ASN A 648 -11.56 -20.74 -11.26
C ASN A 648 -10.97 -20.52 -12.64
N LEU A 649 -11.82 -20.19 -13.61
CA LEU A 649 -11.37 -20.04 -14.99
C LEU A 649 -11.07 -18.58 -15.35
N VAL A 650 -11.95 -17.68 -14.93
CA VAL A 650 -11.82 -16.27 -15.25
C VAL A 650 -11.42 -15.48 -14.00
N ASP A 651 -10.96 -14.25 -14.19
CA ASP A 651 -10.56 -13.41 -13.06
C ASP A 651 -11.60 -12.33 -12.79
N THR A 652 -12.30 -12.45 -11.66
CA THR A 652 -13.37 -11.50 -11.33
C THR A 652 -13.01 -10.58 -10.18
N ARG A 653 -11.72 -10.28 -10.03
CA ARG A 653 -11.30 -9.30 -9.04
C ARG A 653 -11.66 -7.90 -9.54
N TYR A 654 -11.84 -6.97 -8.61
CA TYR A 654 -12.32 -5.63 -8.94
C TYR A 654 -11.44 -4.91 -9.96
N ALA A 655 -10.13 -4.92 -9.74
CA ALA A 655 -9.20 -4.23 -10.63
C ALA A 655 -9.29 -4.78 -12.06
N THR A 656 -9.31 -6.11 -12.15
CA THR A 656 -9.41 -6.80 -13.43
C THR A 656 -10.68 -6.42 -14.18
N ARG A 657 -11.79 -6.40 -13.46
CA ARG A 657 -13.09 -6.07 -14.05
C ARG A 657 -13.12 -4.64 -14.59
N GLY A 658 -12.54 -3.71 -13.84
CA GLY A 658 -12.49 -2.33 -14.23
C GLY A 658 -11.77 -2.11 -15.54
N LEU A 659 -10.57 -2.69 -15.65
CA LEU A 659 -9.78 -2.59 -16.88
C LEU A 659 -10.48 -3.29 -18.03
N MET A 660 -11.05 -4.46 -17.73
CA MET A 660 -11.73 -5.25 -18.76
C MET A 660 -12.97 -4.53 -19.28
N ASN A 661 -13.65 -3.79 -18.40
CA ASN A 661 -14.81 -3.02 -18.80
C ASN A 661 -14.40 -1.78 -19.61
N LEU A 662 -13.24 -1.23 -19.29
CA LEU A 662 -12.71 -0.07 -20.01
C LEU A 662 -12.45 -0.42 -21.47
N LEU A 663 -11.88 -1.61 -21.70
CA LEU A 663 -11.58 -2.06 -23.05
C LEU A 663 -12.85 -2.39 -23.83
N ARG A 664 -13.74 -3.15 -23.21
CA ARG A 664 -15.00 -3.55 -23.84
C ARG A 664 -15.86 -2.36 -24.21
N SER A 665 -15.87 -1.34 -23.35
CA SER A 665 -16.66 -0.14 -23.60
C SER A 665 -16.06 0.69 -24.73
N TYR A 666 -14.73 0.70 -24.81
CA TYR A 666 -14.04 1.43 -25.87
C TYR A 666 -14.30 0.82 -27.24
N PHE A 667 -14.20 -0.50 -27.31
CA PHE A 667 -14.41 -1.22 -28.57
C PHE A 667 -15.89 -1.20 -28.98
N ARG A 668 -16.77 -1.22 -27.99
CA ARG A 668 -18.21 -1.20 -28.26
C ARG A 668 -18.65 0.14 -28.83
N VAL A 669 -18.21 1.23 -28.21
CA VAL A 669 -18.58 2.57 -28.64
C VAL A 669 -18.05 2.88 -30.05
N ASN A 670 -16.78 2.60 -30.28
CA ASN A 670 -16.19 2.83 -31.60
C ASN A 670 -16.54 1.76 -32.61
N ASN A 671 -17.43 0.86 -32.21
CA ASN A 671 -17.90 -0.23 -33.06
C ASN A 671 -16.76 -1.10 -33.59
N LEU A 672 -15.83 -1.44 -32.70
CA LEU A 672 -14.70 -2.29 -33.05
C LEU A 672 -14.92 -3.72 -32.59
N ASP A 673 -14.92 -4.65 -33.53
CA ASP A 673 -15.19 -6.05 -33.22
C ASP A 673 -13.99 -6.73 -32.56
N VAL A 674 -13.82 -6.50 -31.25
CA VAL A 674 -12.74 -7.10 -30.50
C VAL A 674 -13.27 -7.84 -29.26
N LYS A 675 -12.93 -9.11 -29.14
CA LYS A 675 -13.37 -9.92 -28.00
C LYS A 675 -12.34 -9.87 -26.87
N VAL A 676 -12.73 -9.30 -25.75
CA VAL A 676 -11.84 -9.16 -24.60
C VAL A 676 -12.24 -10.11 -23.48
N LYS A 677 -11.26 -10.81 -22.92
CA LYS A 677 -11.50 -11.72 -21.82
C LYS A 677 -10.32 -11.79 -20.87
N SER A 678 -10.53 -12.36 -19.69
CA SER A 678 -9.47 -12.57 -18.73
C SER A 678 -9.38 -14.04 -18.36
N ILE A 679 -8.30 -14.41 -17.66
CA ILE A 679 -8.11 -15.80 -17.25
C ILE A 679 -7.40 -15.88 -15.90
N ASN A 680 -7.87 -16.80 -15.06
CA ASN A 680 -7.25 -17.03 -13.75
C ASN A 680 -5.83 -17.54 -13.90
N GLY A 681 -4.93 -17.04 -13.04
CA GLY A 681 -3.54 -17.45 -13.07
C GLY A 681 -3.35 -18.91 -12.72
N GLY A 682 -4.26 -19.45 -11.93
CA GLY A 682 -4.20 -20.84 -11.52
C GLY A 682 -4.37 -21.79 -12.68
N PHE A 683 -5.10 -21.35 -13.70
CA PHE A 683 -5.34 -22.18 -14.87
C PHE A 683 -4.17 -22.12 -15.86
N THR A 684 -3.55 -20.94 -15.98
CA THR A 684 -2.41 -20.78 -16.88
C THR A 684 -1.19 -21.51 -16.32
N SER A 685 -1.08 -21.55 -15.00
CA SER A 685 -0.02 -22.29 -14.33
C SER A 685 -0.16 -23.79 -14.59
N PHE A 686 -1.41 -24.24 -14.63
CA PHE A 686 -1.71 -25.63 -14.95
C PHE A 686 -1.30 -25.95 -16.37
N LEU A 687 -1.53 -25.01 -17.28
CA LEU A 687 -1.17 -25.19 -18.68
C LEU A 687 0.34 -25.26 -18.83
N ARG A 688 1.05 -24.34 -18.19
CA ARG A 688 2.50 -24.30 -18.25
C ARG A 688 3.10 -25.59 -17.68
N ARG A 689 2.42 -26.14 -16.67
CA ARG A 689 2.86 -27.35 -16.01
C ARG A 689 2.75 -28.58 -16.93
N LYS A 690 1.59 -28.73 -17.57
CA LYS A 690 1.33 -29.91 -18.38
C LYS A 690 1.93 -29.80 -19.79
N TRP A 691 2.22 -28.59 -20.22
CA TRP A 691 2.83 -28.37 -21.52
C TRP A 691 4.35 -28.53 -21.45
N LYS A 692 4.82 -28.92 -20.26
CA LYS A 692 6.22 -29.25 -20.02
C LYS A 692 7.18 -28.10 -20.31
N PHE A 693 6.94 -26.96 -19.66
CA PHE A 693 7.90 -25.87 -19.70
C PHE A 693 8.90 -26.06 -18.56
N LYS A 694 10.05 -25.38 -18.65
CA LYS A 694 11.07 -25.48 -17.61
C LYS A 694 10.51 -25.00 -16.28
N LYS A 695 10.59 -25.85 -15.25
CA LYS A 695 10.07 -25.52 -13.93
C LYS A 695 10.84 -24.36 -13.32
N GLU A 696 12.16 -24.36 -13.52
CA GLU A 696 13.01 -23.28 -13.03
C GLU A 696 12.99 -22.10 -14.01
N ARG A 697 12.36 -21.00 -13.60
CA ARG A 697 12.26 -19.82 -14.46
C ARG A 697 13.46 -18.91 -14.29
N ASN A 698 14.54 -19.21 -15.00
CA ASN A 698 15.80 -18.48 -14.86
C ASN A 698 16.29 -17.88 -16.17
N LYS A 699 15.43 -17.88 -17.19
CA LYS A 699 15.80 -17.36 -18.51
C LYS A 699 15.76 -15.82 -18.54
N GLY A 700 15.27 -15.23 -17.47
CA GLY A 700 15.22 -13.78 -17.37
C GLY A 700 13.84 -13.20 -17.64
N TYR A 701 13.81 -12.02 -18.26
CA TYR A 701 12.57 -11.28 -18.48
C TYR A 701 11.65 -11.94 -19.50
N LYS A 702 12.19 -12.81 -20.35
CA LYS A 702 11.40 -13.41 -21.43
C LYS A 702 10.25 -14.28 -20.92
N HIS A 703 10.33 -14.69 -19.66
CA HIS A 703 9.28 -15.51 -19.06
C HIS A 703 7.93 -14.78 -19.06
N HIS A 704 7.98 -13.45 -18.92
CA HIS A 704 6.75 -12.65 -18.97
C HIS A 704 6.12 -12.70 -20.36
N ALA A 705 6.97 -12.62 -21.39
CA ALA A 705 6.51 -12.73 -22.76
C ALA A 705 6.11 -14.17 -23.08
N GLU A 706 6.83 -15.11 -22.49
CA GLU A 706 6.53 -16.53 -22.66
C GLU A 706 5.17 -16.86 -22.04
N ASP A 707 4.90 -16.27 -20.88
CA ASP A 707 3.61 -16.44 -20.22
C ASP A 707 2.49 -15.89 -21.08
N ALA A 708 2.73 -14.73 -21.70
CA ALA A 708 1.73 -14.09 -22.56
C ALA A 708 1.39 -14.97 -23.76
N LEU A 709 2.39 -15.68 -24.27
CA LEU A 709 2.17 -16.60 -25.38
C LEU A 709 1.31 -17.78 -24.94
N ILE A 710 1.55 -18.27 -23.73
CA ILE A 710 0.76 -19.34 -23.16
C ILE A 710 -0.69 -18.89 -22.95
N ILE A 711 -0.85 -17.67 -22.46
CA ILE A 711 -2.15 -17.06 -22.29
C ILE A 711 -2.87 -16.90 -23.62
N ALA A 712 -2.12 -16.49 -24.65
CA ALA A 712 -2.66 -16.33 -25.99
C ALA A 712 -3.05 -17.68 -26.58
N ASN A 713 -2.28 -18.72 -26.25
CA ASN A 713 -2.58 -20.07 -26.69
C ASN A 713 -3.84 -20.60 -26.03
N ALA A 714 -4.06 -20.20 -24.77
CA ALA A 714 -5.26 -20.59 -24.04
C ALA A 714 -6.50 -20.07 -24.74
N ASP A 715 -6.43 -18.83 -25.20
CA ASP A 715 -7.53 -18.20 -25.93
C ASP A 715 -7.82 -18.96 -27.22
N PHE A 716 -6.75 -19.42 -27.87
CA PHE A 716 -6.88 -20.16 -29.12
C PHE A 716 -7.60 -21.48 -28.91
N ILE A 717 -7.29 -22.17 -27.83
CA ILE A 717 -7.91 -23.46 -27.53
C ILE A 717 -9.42 -23.31 -27.33
N PHE A 718 -9.83 -22.24 -26.67
CA PHE A 718 -11.24 -22.03 -26.37
C PHE A 718 -12.08 -21.68 -27.59
N LYS A 719 -11.42 -21.21 -28.66
CA LYS A 719 -12.14 -20.87 -29.88
C LYS A 719 -12.19 -22.04 -30.85
N GLU A 720 -11.31 -23.01 -30.66
CA GLU A 720 -11.22 -24.17 -31.54
C GLU A 720 -12.27 -25.22 -31.23
N TRP A 721 -12.39 -25.59 -29.96
CA TRP A 721 -13.31 -26.63 -29.54
C TRP A 721 -14.72 -26.12 -29.38
N LYS A 722 -15.68 -26.88 -29.91
CA LYS A 722 -17.10 -26.53 -29.80
C LYS A 722 -17.65 -26.94 -28.44
N LYS A 723 -16.92 -27.81 -27.74
CA LYS A 723 -17.27 -28.18 -26.38
C LYS A 723 -16.89 -27.08 -25.41
N LEU A 724 -15.95 -26.23 -25.84
CA LEU A 724 -15.50 -25.11 -25.03
C LEU A 724 -16.24 -23.83 -25.39
N ASP A 725 -17.10 -23.91 -26.40
CA ASP A 725 -17.86 -22.76 -26.87
C ASP A 725 -18.78 -22.23 -25.77
N LYS A 726 -19.26 -23.12 -24.91
CA LYS A 726 -20.10 -22.74 -23.80
C LYS A 726 -19.30 -21.92 -22.78
N ALA A 727 -18.10 -22.38 -22.49
CA ALA A 727 -17.24 -21.70 -21.53
C ALA A 727 -16.59 -20.46 -22.12
N LYS A 728 -16.28 -20.52 -23.42
CA LYS A 728 -15.66 -19.39 -24.12
C LYS A 728 -16.62 -18.20 -24.19
N LYS A 729 -17.91 -18.49 -24.31
CA LYS A 729 -18.92 -17.46 -24.37
C LYS A 729 -19.03 -16.70 -23.05
N VAL A 730 -18.87 -17.42 -21.95
CA VAL A 730 -18.94 -16.82 -20.61
C VAL A 730 -17.70 -15.96 -20.34
N MET A 731 -16.56 -16.40 -20.87
CA MET A 731 -15.31 -15.65 -20.72
C MET A 731 -15.39 -14.30 -21.45
N GLU A 732 -16.11 -14.28 -22.56
CA GLU A 732 -16.30 -13.06 -23.33
C GLU A 732 -17.53 -12.30 -22.84
N ASN A 733 -18.23 -12.89 -21.88
CA ASN A 733 -19.41 -12.29 -21.27
C ASN A 733 -20.49 -11.93 -22.29
N GLN A 734 -20.73 -12.83 -23.24
CA GLN A 734 -21.78 -12.63 -24.24
C GLN A 734 -23.04 -13.38 -23.84
N MET A 735 -24.19 -12.84 -24.23
CA MET A 735 -25.47 -13.44 -23.86
C MET A 735 -25.75 -14.72 -24.64
N PHE A 736 -26.67 -15.54 -24.12
CA PHE A 736 -27.04 -16.80 -24.76
C PHE A 736 -28.45 -16.72 -25.35
N MET A 744 -26.37 -27.58 -25.97
CA MET A 744 -25.04 -27.05 -26.27
C MET A 744 -23.95 -28.04 -25.90
N PRO A 745 -22.95 -28.19 -26.77
CA PRO A 745 -21.81 -29.10 -26.56
C PRO A 745 -21.02 -28.77 -25.28
N GLU A 746 -20.41 -29.79 -24.69
CA GLU A 746 -19.66 -29.62 -23.45
C GLU A 746 -18.69 -30.79 -23.22
N ILE A 747 -17.69 -30.57 -22.37
CA ILE A 747 -16.78 -31.62 -21.97
C ILE A 747 -17.51 -32.61 -21.05
N GLU A 748 -17.47 -33.89 -21.39
CA GLU A 748 -18.28 -34.88 -20.69
C GLU A 748 -17.53 -35.70 -19.64
N THR A 749 -16.23 -35.92 -19.86
CA THR A 749 -15.46 -36.75 -18.93
C THR A 749 -14.11 -36.13 -18.58
N GLU A 750 -13.41 -36.78 -17.65
CA GLU A 750 -12.07 -36.36 -17.24
C GLU A 750 -11.07 -36.56 -18.38
N GLN A 751 -11.24 -37.66 -19.13
CA GLN A 751 -10.36 -37.97 -20.24
C GLN A 751 -10.46 -36.90 -21.34
N GLU A 752 -11.68 -36.49 -21.66
CA GLU A 752 -11.90 -35.48 -22.68
C GLU A 752 -11.27 -34.14 -22.30
N TYR A 753 -11.25 -33.87 -20.99
CA TYR A 753 -10.67 -32.63 -20.48
C TYR A 753 -9.18 -32.58 -20.76
N LYS A 754 -8.50 -33.70 -20.52
CA LYS A 754 -7.05 -33.79 -20.72
C LYS A 754 -6.68 -33.67 -22.20
N GLU A 755 -7.49 -34.30 -23.06
CA GLU A 755 -7.23 -34.30 -24.50
C GLU A 755 -7.27 -32.90 -25.10
N ILE A 756 -8.10 -32.05 -24.52
CA ILE A 756 -8.29 -30.69 -25.04
C ILE A 756 -7.15 -29.75 -24.63
N PHE A 757 -6.86 -29.69 -23.34
CA PHE A 757 -5.90 -28.72 -22.82
C PHE A 757 -4.46 -29.24 -22.79
N ILE A 758 -4.26 -30.43 -22.22
CA ILE A 758 -2.92 -30.98 -22.14
C ILE A 758 -2.42 -31.38 -23.53
N THR A 759 -1.84 -30.40 -24.23
CA THR A 759 -1.27 -30.64 -25.55
C THR A 759 0.16 -30.10 -25.63
N PRO A 760 1.12 -30.83 -25.02
CA PRO A 760 2.52 -30.39 -24.95
C PRO A 760 3.19 -30.35 -26.32
N HIS A 761 2.83 -31.27 -27.21
CA HIS A 761 3.49 -31.39 -28.50
C HIS A 761 2.93 -30.40 -29.53
N GLN A 762 1.86 -29.69 -29.16
CA GLN A 762 1.23 -28.74 -30.07
C GLN A 762 1.68 -27.31 -29.84
N ILE A 763 2.48 -27.10 -28.79
CA ILE A 763 2.93 -25.75 -28.44
C ILE A 763 4.45 -25.62 -28.51
N LYS A 764 5.08 -26.46 -29.31
CA LYS A 764 6.54 -26.44 -29.45
C LYS A 764 7.01 -25.16 -30.12
N HIS A 765 6.08 -24.45 -30.77
CA HIS A 765 6.40 -23.22 -31.47
C HIS A 765 6.86 -22.12 -30.49
N ILE A 766 6.22 -22.10 -29.32
CA ILE A 766 6.53 -21.11 -28.30
C ILE A 766 7.95 -21.27 -27.75
N LYS A 767 8.32 -22.51 -27.45
CA LYS A 767 9.63 -22.81 -26.86
C LYS A 767 10.77 -22.54 -27.84
N ASP A 768 10.50 -22.73 -29.13
CA ASP A 768 11.52 -22.55 -30.15
C ASP A 768 11.71 -21.08 -30.53
N PHE A 769 10.78 -20.24 -30.09
CA PHE A 769 10.82 -18.81 -30.41
C PHE A 769 12.00 -18.12 -29.76
N LYS A 770 12.77 -17.39 -30.56
CA LYS A 770 13.96 -16.69 -30.08
C LYS A 770 14.06 -15.30 -30.71
N ASP A 771 13.04 -14.50 -30.53
CA ASP A 771 13.01 -13.14 -31.06
C ASP A 771 12.29 -12.19 -30.11
N TYR A 772 12.56 -12.33 -28.82
CA TYR A 772 11.92 -11.51 -27.81
C TYR A 772 12.45 -10.09 -27.83
N LYS A 773 11.56 -9.12 -27.62
CA LYS A 773 11.94 -7.72 -27.51
C LYS A 773 11.80 -7.27 -26.07
N TYR A 774 12.50 -6.21 -25.70
CA TYR A 774 12.48 -5.73 -24.33
C TYR A 774 12.38 -4.20 -24.29
N SER A 775 11.55 -3.69 -23.41
CA SER A 775 11.37 -2.25 -23.27
C SER A 775 11.50 -1.82 -21.81
N HIS A 776 12.52 -1.02 -21.53
CA HIS A 776 12.75 -0.51 -20.18
C HIS A 776 12.29 0.93 -20.06
N ARG A 777 11.48 1.21 -19.04
CA ARG A 777 10.95 2.55 -18.83
C ARG A 777 12.04 3.50 -18.35
N VAL A 778 12.24 4.59 -19.09
CA VAL A 778 13.30 5.54 -18.80
C VAL A 778 12.81 6.63 -17.83
N ASP A 779 13.58 6.85 -16.77
CA ASP A 779 13.25 7.88 -15.79
C ASP A 779 14.01 9.17 -16.05
N LYS A 780 13.28 10.22 -16.41
CA LYS A 780 13.87 11.53 -16.65
C LYS A 780 13.38 12.58 -15.67
N LYS A 781 12.74 12.13 -14.59
CA LYS A 781 12.12 13.06 -13.65
C LYS A 781 13.13 13.83 -12.83
N PRO A 782 13.02 15.17 -12.86
CA PRO A 782 13.86 16.03 -12.02
C PRO A 782 13.31 16.12 -10.60
N ASN A 783 14.15 16.62 -9.69
CA ASN A 783 13.77 16.82 -8.29
C ASN A 783 13.28 15.55 -7.60
N ARG A 784 14.07 14.48 -7.70
CA ARG A 784 13.87 13.34 -6.83
C ARG A 784 14.72 13.56 -5.60
N GLU A 785 15.07 12.48 -4.90
CA GLU A 785 15.94 12.61 -3.74
C GLU A 785 17.29 13.18 -4.17
N LEU A 786 17.66 14.32 -3.58
CA LEU A 786 18.88 15.02 -3.96
C LEU A 786 20.11 14.39 -3.32
N ILE A 787 19.97 13.97 -2.07
CA ILE A 787 21.11 13.55 -1.27
C ILE A 787 20.66 12.77 -0.04
N ASN A 788 21.57 12.00 0.54
CA ASN A 788 21.28 11.28 1.78
C ASN A 788 21.12 12.24 2.95
N ASP A 789 20.30 11.85 3.92
CA ASP A 789 19.96 12.72 5.05
C ASP A 789 21.08 12.84 6.08
N THR A 790 21.81 11.75 6.30
CA THR A 790 22.74 11.63 7.42
C THR A 790 23.85 12.69 7.39
N LEU A 791 23.99 13.40 8.51
CA LEU A 791 25.05 14.39 8.67
C LEU A 791 26.33 13.73 9.16
N TYR A 792 27.45 14.09 8.56
CA TYR A 792 28.74 13.55 8.94
C TYR A 792 29.70 14.64 9.42
N SER A 793 30.35 14.38 10.55
CA SER A 793 31.45 15.23 10.98
C SER A 793 32.74 14.76 10.31
N THR A 794 33.74 15.63 10.26
CA THR A 794 35.01 15.29 9.63
C THR A 794 36.18 15.53 10.56
N ARG A 795 37.32 14.97 10.19
CA ARG A 795 38.59 15.22 10.88
C ARG A 795 39.71 15.33 9.85
N LYS A 796 40.82 15.91 10.25
CA LYS A 796 42.00 16.01 9.38
C LYS A 796 43.18 15.28 9.99
N ASP A 797 43.75 14.34 9.25
CA ASP A 797 44.90 13.58 9.74
C ASP A 797 46.19 14.39 9.62
N ASP A 798 47.32 13.74 9.88
CA ASP A 798 48.62 14.39 9.79
C ASP A 798 49.03 14.60 8.34
N LYS A 799 48.42 13.83 7.44
CA LYS A 799 48.73 13.93 6.01
C LYS A 799 47.96 15.07 5.35
N GLY A 800 47.11 15.73 6.11
CA GLY A 800 46.33 16.85 5.58
C GLY A 800 45.04 16.39 4.91
N ASN A 801 44.78 15.09 4.96
CA ASN A 801 43.56 14.53 4.40
C ASN A 801 42.35 14.77 5.30
N THR A 802 41.22 15.13 4.70
CA THR A 802 39.98 15.23 5.44
C THR A 802 39.30 13.85 5.48
N LEU A 803 39.04 13.36 6.68
CA LEU A 803 38.44 12.05 6.86
C LEU A 803 37.01 12.14 7.38
N ILE A 804 36.14 11.28 6.87
CA ILE A 804 34.75 11.20 7.34
C ILE A 804 34.68 10.47 8.67
N VAL A 805 33.91 11.01 9.60
CA VAL A 805 33.71 10.36 10.90
C VAL A 805 32.39 9.59 10.92
N ASN A 806 32.47 8.29 11.20
CA ASN A 806 31.28 7.45 11.28
C ASN A 806 30.97 7.02 12.71
N ASN A 807 29.70 6.74 12.97
CA ASN A 807 29.28 6.25 14.28
C ASN A 807 29.00 4.76 14.27
N LEU A 808 29.25 4.10 15.39
CA LEU A 808 29.01 2.67 15.51
C LEU A 808 28.01 2.40 16.64
N ASN A 809 26.73 2.56 16.34
CA ASN A 809 25.68 2.36 17.34
C ASN A 809 25.22 0.91 17.42
N GLY A 810 24.46 0.59 18.45
CA GLY A 810 23.96 -0.76 18.66
C GLY A 810 25.07 -1.75 18.88
N LEU A 811 25.96 -1.45 19.84
CA LEU A 811 27.11 -2.29 20.11
C LEU A 811 26.74 -3.53 20.88
N TYR A 812 25.55 -3.52 21.49
CA TYR A 812 25.13 -4.62 22.33
C TYR A 812 24.04 -5.46 21.66
N ASP A 813 24.06 -5.48 20.32
CA ASP A 813 23.15 -6.32 19.56
C ASP A 813 23.78 -7.69 19.30
N LYS A 814 22.94 -8.71 19.19
CA LYS A 814 23.42 -10.08 19.06
C LYS A 814 24.20 -10.33 17.78
N ASP A 815 23.62 -9.99 16.64
CA ASP A 815 24.23 -10.26 15.35
C ASP A 815 25.00 -9.06 14.79
N ASN A 816 25.52 -8.23 15.69
CA ASN A 816 26.29 -7.05 15.28
C ASN A 816 27.77 -7.24 15.56
N ASP A 817 28.52 -7.62 14.54
CA ASP A 817 29.95 -7.86 14.68
C ASP A 817 30.78 -6.77 14.01
N LYS A 818 30.21 -5.58 13.88
CA LYS A 818 30.90 -4.47 13.23
C LYS A 818 32.11 -4.03 14.06
N LEU A 819 31.93 -3.93 15.37
CA LEU A 819 33.02 -3.53 16.26
C LEU A 819 34.09 -4.60 16.32
N LYS A 820 33.67 -5.87 16.29
CA LYS A 820 34.60 -6.99 16.35
C LYS A 820 35.53 -6.99 15.14
N LYS A 821 34.95 -6.83 13.95
CA LYS A 821 35.73 -6.81 12.72
C LYS A 821 36.59 -5.55 12.63
N LEU A 822 36.09 -4.46 13.19
CA LEU A 822 36.78 -3.18 13.14
C LEU A 822 38.06 -3.20 13.96
N ILE A 823 37.97 -3.69 15.19
CA ILE A 823 39.13 -3.75 16.07
C ILE A 823 40.16 -4.77 15.57
N ASN A 824 39.67 -5.89 15.06
CA ASN A 824 40.56 -6.94 14.56
C ASN A 824 41.32 -6.51 13.30
N LYS A 825 40.72 -5.63 12.50
CA LYS A 825 41.32 -5.20 11.25
C LYS A 825 42.03 -3.85 11.39
N SER A 826 41.34 -2.87 11.95
CA SER A 826 41.89 -1.52 12.05
C SER A 826 41.52 -0.84 13.36
N PRO A 827 42.31 -1.09 14.42
CA PRO A 827 42.10 -0.47 15.74
C PRO A 827 42.31 1.04 15.69
N GLU A 828 43.21 1.49 14.82
CA GLU A 828 43.58 2.89 14.77
C GLU A 828 42.46 3.76 14.20
N LYS A 829 41.45 3.12 13.60
CA LYS A 829 40.32 3.85 13.04
C LYS A 829 39.45 4.47 14.13
N LEU A 830 39.42 3.83 15.29
CA LEU A 830 38.65 4.33 16.43
C LEU A 830 39.27 5.63 16.96
N LEU A 831 38.43 6.64 17.17
CA LEU A 831 38.90 7.88 17.77
C LEU A 831 39.28 7.65 19.22
N MET A 832 38.71 6.59 19.80
CA MET A 832 38.99 6.20 21.17
C MET A 832 40.39 5.60 21.29
N TYR A 833 40.92 5.13 20.17
CA TYR A 833 42.25 4.53 20.15
C TYR A 833 43.32 5.59 20.40
N HIS A 834 43.07 6.81 19.94
CA HIS A 834 44.03 7.90 20.09
C HIS A 834 43.74 8.71 21.34
N HIS A 835 42.54 9.25 21.44
CA HIS A 835 42.11 9.97 22.63
C HIS A 835 41.49 9.00 23.62
N ASP A 836 41.85 9.13 24.88
CA ASP A 836 41.36 8.24 25.94
C ASP A 836 41.68 6.78 25.64
N PRO A 837 42.96 6.40 25.76
CA PRO A 837 43.41 5.02 25.46
C PRO A 837 43.06 4.04 26.57
N GLN A 838 42.86 4.54 27.77
CA GLN A 838 42.56 3.69 28.92
C GLN A 838 41.21 3.00 28.74
N THR A 839 40.28 3.68 28.09
CA THR A 839 38.97 3.11 27.82
C THR A 839 39.08 2.06 26.72
N TYR A 840 39.97 2.30 25.75
CA TYR A 840 40.17 1.37 24.65
C TYR A 840 40.69 0.03 25.15
N GLN A 841 41.66 0.07 26.06
CA GLN A 841 42.22 -1.13 26.65
C GLN A 841 41.13 -1.89 27.42
N LYS A 842 40.23 -1.15 28.03
CA LYS A 842 39.12 -1.75 28.77
C LYS A 842 38.17 -2.44 27.81
N LEU A 843 38.04 -1.91 26.60
CA LEU A 843 37.20 -2.51 25.57
C LEU A 843 37.88 -3.72 24.94
N LYS A 844 39.19 -3.61 24.72
CA LYS A 844 39.96 -4.70 24.13
C LYS A 844 39.87 -5.96 24.97
N LEU A 845 39.91 -5.78 26.30
CA LEU A 845 39.81 -6.89 27.23
C LEU A 845 38.49 -7.63 27.03
N ILE A 846 37.42 -6.88 26.83
CA ILE A 846 36.10 -7.46 26.56
C ILE A 846 36.10 -8.15 25.21
N MET A 847 36.78 -7.55 24.24
CA MET A 847 36.85 -8.10 22.89
C MET A 847 37.66 -9.39 22.84
N GLU A 848 38.78 -9.41 23.56
CA GLU A 848 39.65 -10.57 23.59
C GLU A 848 39.02 -11.76 24.33
N GLN A 849 38.11 -11.47 25.24
CA GLN A 849 37.48 -12.50 26.04
C GLN A 849 36.34 -13.21 25.31
N TYR A 850 35.75 -12.52 24.35
CA TYR A 850 34.63 -13.10 23.60
C TYR A 850 34.90 -13.06 22.10
N GLY A 851 36.10 -13.46 21.71
CA GLY A 851 36.48 -13.50 20.31
C GLY A 851 35.68 -14.54 19.54
N ASP A 852 35.27 -15.60 20.23
CA ASP A 852 34.46 -16.65 19.63
C ASP A 852 33.05 -16.16 19.34
N GLU A 853 32.50 -15.40 20.28
CA GLU A 853 31.18 -14.81 20.11
C GLU A 853 31.18 -13.76 19.00
N LYS A 854 30.03 -13.56 18.38
CA LYS A 854 29.90 -12.57 17.31
C LYS A 854 30.12 -11.16 17.85
N ASN A 855 29.33 -10.81 18.86
CA ASN A 855 29.47 -9.51 19.50
C ASN A 855 29.88 -9.64 20.96
N PRO A 856 31.17 -9.36 21.25
CA PRO A 856 31.73 -9.43 22.60
C PRO A 856 30.99 -8.56 23.61
N LEU A 857 30.44 -7.44 23.14
CA LEU A 857 29.70 -6.54 24.02
C LEU A 857 28.33 -7.13 24.36
N TYR A 858 27.80 -7.95 23.46
CA TYR A 858 26.51 -8.60 23.68
C TYR A 858 26.63 -9.68 24.74
N LYS A 859 27.55 -10.62 24.52
CA LYS A 859 27.75 -11.74 25.44
C LYS A 859 28.17 -11.26 26.82
N TYR A 860 28.86 -10.12 26.86
CA TYR A 860 29.26 -9.51 28.13
C TYR A 860 28.04 -9.02 28.90
N TYR A 861 27.26 -8.16 28.27
CA TYR A 861 26.07 -7.59 28.89
C TYR A 861 25.00 -8.66 29.16
N GLU A 862 25.01 -9.72 28.35
CA GLU A 862 24.04 -10.80 28.51
C GLU A 862 24.31 -11.62 29.77
N GLU A 863 25.49 -11.44 30.36
CA GLU A 863 25.89 -12.19 31.53
C GLU A 863 25.97 -11.33 32.79
N THR A 864 26.66 -10.19 32.67
CA THR A 864 26.85 -9.32 33.83
C THR A 864 25.71 -8.30 33.98
N GLY A 865 24.92 -8.15 32.92
CA GLY A 865 23.82 -7.20 32.93
C GLY A 865 24.30 -5.76 32.99
N ASN A 866 25.58 -5.56 32.71
CA ASN A 866 26.19 -4.24 32.77
C ASN A 866 26.85 -3.89 31.44
N TYR A 867 26.85 -2.61 31.10
CA TYR A 867 27.44 -2.15 29.84
C TYR A 867 28.90 -1.77 30.00
N LEU A 868 29.57 -1.55 28.88
CA LEU A 868 30.94 -1.05 28.90
C LEU A 868 30.95 0.42 29.31
N THR A 869 31.71 0.73 30.35
CA THR A 869 31.77 2.09 30.86
C THR A 869 33.13 2.73 30.60
N LYS A 870 33.14 4.04 30.42
CA LYS A 870 34.37 4.80 30.24
C LYS A 870 35.26 4.64 31.46
N TYR A 871 36.57 4.64 31.25
CA TYR A 871 37.52 4.45 32.34
C TYR A 871 37.40 5.54 33.40
N SER A 872 37.42 5.11 34.66
CA SER A 872 37.40 6.04 35.79
C SER A 872 38.02 5.37 37.01
N LYS A 873 38.91 6.10 37.68
CA LYS A 873 39.63 5.56 38.83
C LYS A 873 38.70 5.32 40.02
N LYS A 874 37.51 5.90 39.97
CA LYS A 874 36.53 5.72 41.03
C LYS A 874 35.39 4.81 40.57
N ASP A 875 35.57 4.18 39.42
CA ASP A 875 34.59 3.26 38.84
C ASP A 875 33.21 3.89 38.70
N ASN A 876 33.19 5.16 38.28
CA ASN A 876 31.94 5.89 38.13
C ASN A 876 31.80 6.51 36.74
N GLY A 877 32.55 5.97 35.78
CA GLY A 877 32.53 6.47 34.42
C GLY A 877 31.19 6.28 33.74
N PRO A 878 30.94 7.06 32.68
CA PRO A 878 29.68 7.00 31.93
C PRO A 878 29.59 5.79 31.00
N VAL A 879 28.37 5.35 30.70
CA VAL A 879 28.13 4.24 29.80
C VAL A 879 28.50 4.65 28.36
N ILE A 880 29.01 3.70 27.58
CA ILE A 880 29.32 3.97 26.18
C ILE A 880 28.18 3.52 25.27
N LYS A 881 27.46 4.48 24.71
CA LYS A 881 26.31 4.19 23.87
C LYS A 881 26.68 4.05 22.39
N LYS A 882 27.76 4.71 21.98
CA LYS A 882 28.26 4.58 20.62
C LYS A 882 29.72 5.01 20.52
N ILE A 883 30.39 4.55 19.46
CA ILE A 883 31.81 4.83 19.29
C ILE A 883 32.12 5.43 17.91
N LYS A 884 32.78 6.59 17.92
CA LYS A 884 33.19 7.24 16.68
C LYS A 884 34.43 6.57 16.11
N TYR A 885 34.52 6.53 14.78
CA TYR A 885 35.70 6.01 14.11
C TYR A 885 35.87 6.66 12.74
N TYR A 886 37.13 6.78 12.31
CA TYR A 886 37.43 7.39 11.03
C TYR A 886 36.98 6.51 9.88
N GLY A 887 36.32 7.11 8.89
CA GLY A 887 35.88 6.38 7.73
C GLY A 887 36.77 6.65 6.54
N ASN A 888 36.18 6.65 5.35
CA ASN A 888 36.93 6.91 4.13
C ASN A 888 37.33 8.38 4.02
N LYS A 889 38.29 8.66 3.15
CA LYS A 889 38.71 10.03 2.90
C LYS A 889 37.61 10.79 2.16
N LEU A 890 37.34 12.01 2.61
CA LEU A 890 36.31 12.82 2.00
C LEU A 890 36.66 13.22 0.58
N ASN A 891 35.70 13.11 -0.33
CA ASN A 891 35.87 13.52 -1.71
C ASN A 891 34.60 14.16 -2.23
N ALA A 892 33.80 13.40 -2.96
CA ALA A 892 32.48 13.87 -3.37
C ALA A 892 31.61 14.07 -2.13
N HIS A 893 31.08 15.28 -1.98
CA HIS A 893 30.27 15.61 -0.81
C HIS A 893 29.51 16.91 -1.00
N LEU A 894 28.70 17.25 0.00
CA LEU A 894 28.02 18.53 0.05
C LEU A 894 28.42 19.26 1.34
N ASP A 895 29.02 20.43 1.19
CA ASP A 895 29.50 21.17 2.36
C ASP A 895 28.37 22.03 2.93
N ILE A 896 28.01 21.74 4.18
CA ILE A 896 26.97 22.50 4.85
C ILE A 896 27.49 23.00 6.21
N THR A 897 28.79 23.28 6.26
CA THR A 897 29.43 23.75 7.48
C THR A 897 28.94 25.14 7.89
N ASP A 898 28.55 25.94 6.90
CA ASP A 898 28.10 27.31 7.16
C ASP A 898 26.85 27.36 8.03
N ASP A 899 26.10 26.27 8.06
CA ASP A 899 24.91 26.18 8.90
C ASP A 899 25.28 26.00 10.37
N TYR A 900 26.56 25.77 10.62
CA TYR A 900 27.06 25.55 11.97
C TYR A 900 28.24 26.48 12.27
N PRO A 901 27.95 27.61 12.93
CA PRO A 901 28.94 28.65 13.21
C PRO A 901 30.06 28.17 14.15
N ASN A 902 31.28 28.60 13.86
CA ASN A 902 32.46 28.28 14.67
C ASN A 902 32.69 26.78 14.84
N SER A 903 32.25 26.00 13.86
CA SER A 903 32.54 24.57 13.86
C SER A 903 33.99 24.34 13.47
N ARG A 904 34.72 23.62 14.33
CA ARG A 904 36.14 23.37 14.10
C ARG A 904 36.38 22.54 12.84
N ASN A 905 35.45 21.65 12.53
CA ASN A 905 35.59 20.78 11.36
C ASN A 905 34.45 20.94 10.37
N LYS A 906 34.64 20.36 9.19
CA LYS A 906 33.59 20.37 8.17
C LYS A 906 32.42 19.46 8.56
N VAL A 907 31.21 19.91 8.24
CA VAL A 907 30.03 19.07 8.38
C VAL A 907 29.45 18.84 6.99
N VAL A 908 29.28 17.57 6.62
CA VAL A 908 28.86 17.23 5.26
C VAL A 908 27.71 16.24 5.18
N LYS A 909 27.04 16.24 4.02
CA LYS A 909 26.12 15.17 3.65
C LYS A 909 26.74 14.40 2.50
N LEU A 910 26.36 13.14 2.32
CA LEU A 910 27.01 12.29 1.33
C LEU A 910 26.05 11.70 0.30
N SER A 911 26.63 11.05 -0.71
CA SER A 911 25.90 10.42 -1.81
C SER A 911 25.11 11.44 -2.62
N LEU A 912 25.79 12.06 -3.58
CA LEU A 912 25.17 13.06 -4.44
C LEU A 912 24.46 12.38 -5.60
N LYS A 913 23.14 12.26 -5.50
CA LYS A 913 22.35 11.54 -6.48
C LYS A 913 22.42 12.16 -7.86
N PRO A 914 22.83 11.35 -8.86
CA PRO A 914 22.98 11.81 -10.25
C PRO A 914 21.65 11.84 -11.01
N TYR A 915 21.47 12.89 -11.80
CA TYR A 915 20.29 13.01 -12.65
C TYR A 915 20.54 12.34 -13.99
N ARG A 916 21.67 12.68 -14.62
CA ARG A 916 22.07 12.09 -15.89
C ARG A 916 23.55 12.36 -16.14
N PHE A 917 24.07 11.85 -17.25
CA PHE A 917 25.41 12.21 -17.69
C PHE A 917 25.47 12.37 -19.20
N ASP A 918 26.18 13.40 -19.65
CA ASP A 918 26.29 13.70 -21.07
C ASP A 918 27.66 13.30 -21.59
N VAL A 919 27.68 12.38 -22.57
CA VAL A 919 28.92 11.89 -23.14
C VAL A 919 29.47 12.84 -24.20
N TYR A 920 30.76 13.18 -24.07
CA TYR A 920 31.44 14.02 -25.05
C TYR A 920 32.57 13.25 -25.72
N LEU A 921 32.77 13.52 -27.01
CA LEU A 921 33.91 12.97 -27.73
C LEU A 921 34.97 14.05 -27.90
N ASP A 922 36.00 13.99 -27.05
CA ASP A 922 37.02 15.03 -27.01
C ASP A 922 38.36 14.51 -27.54
N ASN A 923 38.69 14.87 -28.77
CA ASN A 923 39.95 14.49 -29.41
C ASN A 923 40.18 12.99 -29.43
N GLY A 924 39.19 12.24 -29.92
CA GLY A 924 39.29 10.79 -30.00
C GLY A 924 39.19 10.09 -28.67
N VAL A 925 38.83 10.84 -27.63
CA VAL A 925 38.69 10.29 -26.29
C VAL A 925 37.31 10.56 -25.73
N TYR A 926 36.66 9.52 -25.23
CA TYR A 926 35.32 9.66 -24.68
C TYR A 926 35.35 10.13 -23.23
N LYS A 927 34.64 11.23 -22.96
CA LYS A 927 34.50 11.75 -21.61
C LYS A 927 33.03 12.06 -21.35
N PHE A 928 32.66 12.29 -20.09
CA PHE A 928 31.29 12.68 -19.79
C PHE A 928 31.18 13.64 -18.60
N VAL A 929 30.11 14.41 -18.59
CA VAL A 929 29.82 15.34 -17.52
C VAL A 929 28.65 14.83 -16.69
N THR A 930 28.86 14.70 -15.38
CA THR A 930 27.81 14.20 -14.50
C THR A 930 26.89 15.32 -14.04
N VAL A 931 25.60 15.18 -14.35
CA VAL A 931 24.60 16.14 -13.91
C VAL A 931 23.90 15.62 -12.67
N LYS A 932 24.12 16.31 -11.56
CA LYS A 932 23.52 15.91 -10.29
C LYS A 932 22.11 16.48 -10.13
N ASN A 933 21.31 15.84 -9.29
CA ASN A 933 19.97 16.35 -8.99
C ASN A 933 20.06 17.74 -8.35
N LEU A 934 21.16 17.98 -7.64
CA LEU A 934 21.42 19.26 -7.01
C LEU A 934 21.67 20.35 -8.05
N ASP A 935 22.07 19.94 -9.25
CA ASP A 935 22.40 20.88 -10.32
C ASP A 935 21.17 21.30 -11.11
N VAL A 936 20.07 20.56 -10.95
CA VAL A 936 18.81 20.91 -11.60
C VAL A 936 17.98 21.79 -10.68
N ILE A 937 17.73 23.03 -11.10
CA ILE A 937 16.99 23.99 -10.28
C ILE A 937 15.57 24.18 -10.80
N LYS A 938 14.61 24.21 -9.89
CA LYS A 938 13.22 24.37 -10.29
C LYS A 938 12.87 25.83 -10.52
N LYS A 939 12.05 26.08 -11.53
CA LYS A 939 11.49 27.40 -11.77
C LYS A 939 9.97 27.28 -11.84
N GLU A 940 9.31 28.41 -12.10
CA GLU A 940 7.84 28.50 -12.02
C GLU A 940 7.10 27.37 -12.73
N ASN A 941 7.54 27.03 -13.93
CA ASN A 941 6.87 25.99 -14.71
C ASN A 941 7.84 25.08 -15.47
N TYR A 942 9.10 25.09 -15.05
CA TYR A 942 10.12 24.31 -15.74
C TYR A 942 11.38 24.15 -14.89
N TYR A 943 12.13 23.07 -15.15
CA TYR A 943 13.40 22.83 -14.49
C TYR A 943 14.55 23.18 -15.43
N GLU A 944 15.56 23.87 -14.91
CA GLU A 944 16.74 24.20 -15.71
C GLU A 944 18.02 23.69 -15.07
N VAL A 945 18.95 23.27 -15.92
CA VAL A 945 20.26 22.84 -15.45
C VAL A 945 21.16 24.05 -15.21
N ASN A 946 21.76 24.12 -14.03
CA ASN A 946 22.62 25.24 -13.68
C ASN A 946 23.78 25.38 -14.66
N SER A 947 23.71 26.42 -15.49
CA SER A 947 24.72 26.66 -16.52
C SER A 947 26.10 26.88 -15.91
N LYS A 948 26.13 27.47 -14.72
CA LYS A 948 27.39 27.68 -14.02
C LYS A 948 27.97 26.37 -13.51
N ALA A 949 27.09 25.48 -13.05
CA ALA A 949 27.53 24.18 -12.55
C ALA A 949 27.95 23.25 -13.68
N TYR A 950 27.29 23.39 -14.84
CA TYR A 950 27.59 22.55 -15.98
C TYR A 950 28.96 22.89 -16.57
N GLU A 951 29.22 24.18 -16.74
CA GLU A 951 30.50 24.64 -17.25
C GLU A 951 31.62 24.34 -16.27
N GLU A 952 31.30 24.39 -14.98
CA GLU A 952 32.27 24.08 -13.94
C GLU A 952 32.70 22.61 -14.02
N ALA A 953 31.71 21.73 -14.10
CA ALA A 953 31.97 20.30 -14.24
C ALA A 953 32.60 20.01 -15.59
N LYS A 954 32.29 20.85 -16.58
CA LYS A 954 32.85 20.70 -17.92
C LYS A 954 34.33 21.05 -17.91
N LYS A 955 34.74 21.83 -16.92
CA LYS A 955 36.14 22.21 -16.78
C LYS A 955 36.91 21.21 -15.91
N LEU A 956 36.20 20.61 -14.95
CA LEU A 956 36.81 19.63 -14.06
C LEU A 956 37.01 18.30 -14.77
N LYS A 957 36.46 18.18 -15.97
CA LYS A 957 36.56 16.95 -16.75
C LYS A 957 37.47 17.12 -17.95
N LYS A 958 38.16 18.27 -18.00
CA LYS A 958 39.06 18.59 -19.09
C LYS A 958 38.35 18.54 -20.44
N ILE A 959 37.06 18.87 -20.45
CA ILE A 959 36.31 18.94 -21.68
C ILE A 959 36.66 20.23 -22.40
N SER A 960 36.99 20.14 -23.68
CA SER A 960 37.35 21.32 -24.44
C SER A 960 36.15 21.81 -25.25
N ASN A 961 36.25 23.04 -25.74
CA ASN A 961 35.19 23.62 -26.56
C ASN A 961 35.12 22.91 -27.91
N GLN A 962 36.21 22.25 -28.27
CA GLN A 962 36.29 21.51 -29.52
C GLN A 962 35.55 20.18 -29.44
N ALA A 963 35.30 19.72 -28.22
CA ALA A 963 34.67 18.42 -28.00
C ALA A 963 33.28 18.35 -28.61
N GLU A 964 32.93 17.16 -29.11
CA GLU A 964 31.64 16.94 -29.74
C GLU A 964 30.65 16.26 -28.79
N PHE A 965 29.54 16.92 -28.54
CA PHE A 965 28.49 16.36 -27.69
C PHE A 965 27.84 15.16 -28.38
N ILE A 966 27.88 14.01 -27.71
CA ILE A 966 27.33 12.79 -28.27
C ILE A 966 25.86 12.62 -27.88
N ALA A 967 25.61 12.27 -26.63
CA ALA A 967 24.24 12.05 -26.16
C ALA A 967 24.15 12.13 -24.64
N SER A 968 22.93 12.36 -24.15
CA SER A 968 22.66 12.33 -22.72
C SER A 968 22.11 10.97 -22.33
N PHE A 969 22.43 10.52 -21.11
CA PHE A 969 21.95 9.22 -20.66
C PHE A 969 21.25 9.31 -19.30
N TYR A 970 19.98 8.90 -19.28
CA TYR A 970 19.21 8.84 -18.04
C TYR A 970 19.10 7.40 -17.58
N ASN A 971 18.40 7.19 -16.45
CA ASN A 971 18.20 5.84 -15.95
C ASN A 971 17.41 4.98 -16.93
N ASN A 972 17.91 3.76 -17.14
CA ASN A 972 17.31 2.78 -18.06
C ASN A 972 17.38 3.20 -19.52
N ASP A 973 18.22 4.19 -19.83
CA ASP A 973 18.54 4.51 -21.20
C ASP A 973 19.48 3.44 -21.74
N LEU A 974 19.37 3.14 -23.02
CA LEU A 974 20.20 2.09 -23.62
C LEU A 974 21.51 2.65 -24.15
N ILE A 975 22.62 2.12 -23.61
CA ILE A 975 23.95 2.56 -24.01
C ILE A 975 24.74 1.39 -24.60
N LYS A 976 25.50 1.68 -25.66
CA LYS A 976 26.30 0.64 -26.31
C LYS A 976 27.78 0.92 -26.13
N ILE A 977 28.40 0.26 -25.16
CA ILE A 977 29.82 0.44 -24.88
C ILE A 977 30.65 -0.61 -25.60
N ASN A 978 31.42 -0.16 -26.59
CA ASN A 978 32.32 -1.04 -27.33
C ASN A 978 31.59 -2.24 -27.95
N GLY A 979 30.45 -1.99 -28.57
CA GLY A 979 29.70 -3.02 -29.26
C GLY A 979 28.73 -3.79 -28.39
N GLU A 980 28.79 -3.58 -27.09
CA GLU A 980 27.90 -4.27 -26.16
C GLU A 980 26.83 -3.33 -25.60
N LEU A 981 25.57 -3.68 -25.85
CA LEU A 981 24.46 -2.83 -25.44
C LEU A 981 24.00 -3.14 -24.02
N TYR A 982 23.93 -2.09 -23.18
CA TYR A 982 23.46 -2.22 -21.81
C TYR A 982 22.35 -1.21 -21.53
N ARG A 983 21.76 -1.30 -20.35
CA ARG A 983 20.86 -0.24 -19.88
C ARG A 983 21.53 0.52 -18.73
N VAL A 984 21.38 1.83 -18.73
CA VAL A 984 22.04 2.69 -17.76
C VAL A 984 21.36 2.65 -16.38
N ILE A 985 22.15 2.40 -15.36
CA ILE A 985 21.68 2.56 -13.99
C ILE A 985 21.92 4.00 -13.55
N GLY A 986 23.16 4.45 -13.71
CA GLY A 986 23.52 5.82 -13.36
C GLY A 986 25.02 5.98 -13.20
N VAL A 987 25.46 7.18 -12.86
CA VAL A 987 26.87 7.45 -12.64
C VAL A 987 27.31 6.92 -11.28
N ASN A 988 28.20 5.93 -11.30
CA ASN A 988 28.73 5.34 -10.08
C ASN A 988 29.88 6.17 -9.48
N ASN A 989 30.66 6.80 -10.34
CA ASN A 989 31.80 7.61 -9.89
C ASN A 989 32.19 8.66 -10.91
N ASP A 990 31.92 9.91 -10.59
CA ASP A 990 32.19 11.03 -11.50
C ASP A 990 33.68 11.21 -11.73
N LEU A 991 34.43 11.29 -10.63
CA LEU A 991 35.87 11.51 -10.70
C LEU A 991 36.60 10.40 -11.46
N LEU A 992 36.18 9.16 -11.23
CA LEU A 992 36.84 8.01 -11.83
C LEU A 992 36.20 7.58 -13.14
N ASN A 993 35.25 8.37 -13.63
CA ASN A 993 34.54 8.12 -14.88
C ASN A 993 33.91 6.73 -14.95
N ARG A 994 33.33 6.28 -13.84
CA ARG A 994 32.72 4.97 -13.79
C ARG A 994 31.20 5.08 -13.72
N ILE A 995 30.52 4.46 -14.70
CA ILE A 995 29.07 4.42 -14.71
C ILE A 995 28.58 2.98 -14.49
N GLU A 996 27.48 2.83 -13.78
CA GLU A 996 26.90 1.52 -13.53
C GLU A 996 25.80 1.21 -14.54
N VAL A 997 25.83 0.01 -15.10
CA VAL A 997 24.82 -0.41 -16.06
C VAL A 997 24.28 -1.78 -15.67
N ASN A 998 23.38 -2.32 -16.49
CA ASN A 998 22.86 -3.66 -16.27
C ASN A 998 22.40 -4.28 -17.59
N MET A 999 22.14 -5.58 -17.56
CA MET A 999 21.74 -6.30 -18.77
C MET A 999 20.27 -6.05 -19.10
N ILE A 1000 19.92 -6.28 -20.37
CA ILE A 1000 18.61 -5.91 -20.88
C ILE A 1000 17.60 -7.06 -20.79
N ASP A 1001 18.02 -8.26 -21.16
CA ASP A 1001 17.12 -9.41 -21.19
C ASP A 1001 17.06 -10.13 -19.84
N ILE A 1002 17.86 -9.65 -18.89
CA ILE A 1002 17.98 -10.29 -17.59
C ILE A 1002 18.71 -9.36 -16.63
N THR A 1003 18.66 -9.66 -15.34
CA THR A 1003 19.48 -8.94 -14.37
C THR A 1003 20.87 -9.57 -14.35
N TYR A 1004 21.88 -8.76 -14.09
CA TYR A 1004 23.25 -9.25 -14.04
C TYR A 1004 23.43 -10.19 -12.85
N ARG A 1005 22.64 -9.95 -11.80
CA ARG A 1005 22.68 -10.78 -10.60
C ARG A 1005 22.27 -12.21 -10.93
N GLU A 1006 21.18 -12.37 -11.66
CA GLU A 1006 20.69 -13.69 -12.04
C GLU A 1006 21.56 -14.32 -13.12
N TYR A 1007 22.12 -13.48 -13.98
CA TYR A 1007 23.00 -13.94 -15.05
C TYR A 1007 24.23 -14.67 -14.48
N LEU A 1008 24.73 -14.17 -13.36
CA LEU A 1008 25.88 -14.79 -12.70
C LEU A 1008 25.48 -16.07 -11.97
N GLU A 1009 24.25 -16.10 -11.46
CA GLU A 1009 23.75 -17.28 -10.77
C GLU A 1009 23.59 -18.45 -11.73
N ASN A 1010 23.07 -18.16 -12.92
CA ASN A 1010 22.91 -19.18 -13.95
C ASN A 1010 24.26 -19.74 -14.39
N MET A 1011 25.26 -18.86 -14.40
CA MET A 1011 26.61 -19.26 -14.76
C MET A 1011 27.38 -19.70 -13.52
N ASN A 1012 26.70 -19.64 -12.37
CA ASN A 1012 27.29 -19.96 -11.08
C ASN A 1012 28.56 -19.15 -10.83
N ASP A 1013 28.50 -17.87 -11.15
CA ASP A 1013 29.63 -16.96 -11.00
C ASP A 1013 29.58 -16.26 -9.65
N LYS A 1014 30.70 -16.28 -8.94
CA LYS A 1014 30.75 -15.75 -7.57
C LYS A 1014 31.16 -14.28 -7.52
N ARG A 1015 31.45 -13.69 -8.68
CA ARG A 1015 31.81 -12.28 -8.76
C ARG A 1015 30.66 -11.39 -8.29
N PRO A 1016 31.00 -10.22 -7.71
CA PRO A 1016 29.99 -9.25 -7.29
C PRO A 1016 29.08 -8.84 -8.44
N PRO A 1017 27.76 -8.94 -8.24
CA PRO A 1017 26.76 -8.75 -9.30
C PRO A 1017 26.53 -7.29 -9.68
N ARG A 1018 27.58 -6.58 -10.07
CA ARG A 1018 27.45 -5.21 -10.53
C ARG A 1018 28.30 -4.97 -11.77
N ILE A 1019 27.71 -4.38 -12.80
CA ILE A 1019 28.47 -4.05 -14.00
C ILE A 1019 28.91 -2.58 -13.96
N ILE A 1020 30.21 -2.38 -13.82
CA ILE A 1020 30.77 -1.03 -13.83
C ILE A 1020 31.61 -0.82 -15.09
N LYS A 1021 31.25 0.18 -15.87
CA LYS A 1021 31.98 0.52 -17.08
C LYS A 1021 32.74 1.82 -16.89
N THR A 1022 33.97 1.87 -17.40
CA THR A 1022 34.80 3.05 -17.27
C THR A 1022 34.96 3.76 -18.61
N ILE A 1023 34.54 5.02 -18.65
CA ILE A 1023 34.66 5.83 -19.87
C ILE A 1023 36.00 6.56 -19.87
N ALA A 1024 37.00 5.96 -20.52
CA ALA A 1024 38.34 6.53 -20.52
C ALA A 1024 38.95 6.53 -21.92
N SER A 1025 40.27 6.65 -21.98
CA SER A 1025 40.98 6.67 -23.26
C SER A 1025 40.91 5.30 -23.94
N LYS A 1026 40.67 4.26 -23.16
CA LYS A 1026 40.57 2.91 -23.69
C LYS A 1026 39.20 2.64 -24.29
N THR A 1027 38.24 3.52 -24.01
CA THR A 1027 36.90 3.39 -24.55
C THR A 1027 36.90 3.70 -26.04
N GLN A 1028 36.39 2.77 -26.84
CA GLN A 1028 36.46 2.87 -28.29
C GLN A 1028 35.24 3.52 -28.91
N SER A 1029 34.05 3.13 -28.47
CA SER A 1029 32.82 3.66 -29.06
C SER A 1029 31.65 3.70 -28.08
N ILE A 1030 30.88 4.78 -28.16
CA ILE A 1030 29.68 4.95 -27.35
C ILE A 1030 28.51 5.38 -28.22
N LYS A 1031 27.43 4.59 -28.21
CA LYS A 1031 26.23 4.92 -28.96
C LYS A 1031 24.98 4.79 -28.10
N LYS A 1032 24.07 5.75 -28.23
CA LYS A 1032 22.82 5.72 -27.49
C LYS A 1032 21.70 5.08 -28.29
N TYR A 1033 21.16 3.98 -27.77
CA TYR A 1033 20.03 3.31 -28.38
C TYR A 1033 18.75 3.59 -27.60
N SER A 1034 17.61 3.25 -28.19
CA SER A 1034 16.33 3.45 -27.53
C SER A 1034 15.29 2.49 -28.09
N THR A 1035 14.22 2.28 -27.34
CA THR A 1035 13.13 1.43 -27.79
C THR A 1035 11.79 2.12 -27.63
N ASP A 1036 10.78 1.60 -28.32
CA ASP A 1036 9.41 2.00 -28.07
C ASP A 1036 8.91 1.24 -26.85
N ILE A 1037 7.60 1.22 -26.65
CA ILE A 1037 7.06 0.51 -25.49
C ILE A 1037 6.98 -0.98 -25.78
N LEU A 1038 7.15 -1.35 -27.05
CA LEU A 1038 7.13 -2.75 -27.45
C LEU A 1038 8.50 -3.40 -27.35
N GLY A 1039 9.55 -2.61 -27.53
CA GLY A 1039 10.90 -3.10 -27.41
C GLY A 1039 11.70 -3.04 -28.69
N ASN A 1040 11.13 -2.43 -29.72
CA ASN A 1040 11.81 -2.28 -31.00
C ASN A 1040 12.94 -1.27 -30.92
N LEU A 1041 14.15 -1.72 -31.20
CA LEU A 1041 15.35 -0.88 -31.10
C LEU A 1041 15.45 0.17 -32.21
N TYR A 1042 16.08 1.29 -31.88
CA TYR A 1042 16.41 2.31 -32.86
C TYR A 1042 17.50 3.23 -32.31
N GLU A 1043 18.28 3.83 -33.22
CA GLU A 1043 19.37 4.71 -32.82
C GLU A 1043 18.92 6.16 -32.81
N VAL A 1044 19.57 6.98 -32.00
CA VAL A 1044 19.17 8.37 -31.83
C VAL A 1044 20.24 9.35 -32.34
N LYS A 1045 19.87 10.62 -32.43
CA LYS A 1045 20.80 11.68 -32.83
C LYS A 1045 20.39 13.01 -32.19
N SER A 1046 21.37 13.74 -31.67
CA SER A 1046 21.10 15.00 -31.00
C SER A 1046 22.15 16.06 -31.34
N LYS A 1047 21.81 17.32 -31.10
CA LYS A 1047 22.69 18.43 -31.45
C LYS A 1047 23.34 19.07 -30.22
N LYS A 1048 22.56 19.24 -29.15
CA LYS A 1048 23.06 19.90 -27.95
C LYS A 1048 22.43 19.33 -26.69
N HIS A 1049 23.09 19.54 -25.55
CA HIS A 1049 22.62 19.01 -24.28
C HIS A 1049 21.37 19.75 -23.80
N PRO A 1050 20.31 18.99 -23.45
CA PRO A 1050 19.05 19.57 -22.96
C PRO A 1050 19.21 20.24 -21.60
N GLN A 1051 18.81 21.50 -21.51
CA GLN A 1051 18.92 22.25 -20.27
C GLN A 1051 17.56 22.51 -19.64
N ILE A 1052 16.54 22.65 -20.48
CA ILE A 1052 15.20 22.95 -20.00
C ILE A 1052 14.36 21.68 -19.87
N ILE A 1053 13.90 21.41 -18.65
CA ILE A 1053 13.05 20.26 -18.38
C ILE A 1053 11.66 20.71 -17.93
N LYS A 1054 10.67 20.50 -18.79
CA LYS A 1054 9.31 20.95 -18.52
C LYS A 1054 8.63 20.09 -17.45
N LYS A 1055 8.37 20.70 -16.29
CA LYS A 1055 7.68 20.01 -15.20
C LYS A 1055 7.17 21.01 -14.17
#